data_2XBO
#
_entry.id   2XBO
#
_cell.length_a   344.800
_cell.length_b   531.400
_cell.length_c   488.300
_cell.angle_alpha   90.00
_cell.angle_beta   90.00
_cell.angle_gamma   90.00
#
_symmetry.space_group_name_H-M   'C 2 2 21'
#
loop_
_entity.id
_entity.type
_entity.pdbx_description
1 polymer P1
2 polymer P1
3 polymer P1
4 polymer P1
5 branched 'N-acetyl-alpha-neuraminic acid-(2-3)-beta-D-galactopyranose-(1-4)-alpha-D-glucopyranose'
#
loop_
_entity_poly.entity_id
_entity_poly.type
_entity_poly.pdbx_seq_one_letter_code
_entity_poly.pdbx_strand_id
1 'polypeptide(L)'
;VTNVGEDGEPGETEPRHALSPVDMHVHTDVSFLLDRFFDVETLELSNLTGSPATHVLDPFGSTAQLAWARLLNTCTYFFS
DLELSIQFKFTTTPSSVGEGFVWVKWFPVGAPTKTTDAWQLEGGGNSVRIQQLAVAGMSPTVVFKIAGSRSQACGFSVPY
TSMWRVVPVFYNGWGAPTKEKATYNWLPGAHFGSILLTSDAHDKGGCYLRYRFPRANMYCPRPIPPAFTRPADKTRHKFP
TNINKQCT
;
1
2 'polypeptide(L)'
;DKKTEETTNIEDRIETTVVGATIINSQGSVGTTYCYSKPDGRPPSTVSDPVTRLGPTLSRHYTFKVGEWPHSQSHGHAWI
CPLPSDKLKKMGSFHEVVKAHHLVKNGWDVVVQVNASFAHSGALCVAAVPEYEHTHEKALKWSELEEPAYTYQQLSVFPH
QLLNLRTNSSVHLVMPYIGPGPTTNLTLHNPWTIVILILSELTGPGQTVPVTMSVAPIDAMVNGPLPNPE
;
2
3 'polypeptide(L)'
;APIRVVSVPESDSFMSSVPDNSTPLYPKVVVPPRQVPGRFTNFIDVAKQTYSFCSISGKPYFEVTNTSGDEPLFQMDVSL
SAAELHGTYVASLSSFFAQYRGSLNFYFIFTGAAATKAKFLVAFVPPHSAAPKTRDEAMACIHAVWDVGLNSAFSFNVPY
SSPADFMAVYSAEATVVNVSGWLQVYALTALTSTDIAVNSKGRVLVAVSAGPDFSLRHPVDLPDKQ
;
3
4 'polypeptide(L)' GAGTSTPTTGNQNMSGNSGSIVQNFYMQQYQNSIDADLGDNVISPEGQGSNTSSSTSSSQSSGLGGWFSSLLNLGTKLLA 4
#
# COMPACT_ATOMS: atom_id res chain seq x y z
N VAL A 1 22.61 -24.85 -3.54
CA VAL A 1 23.48 -26.06 -3.79
C VAL A 1 23.49 -26.44 -5.31
N THR A 2 24.68 -26.72 -5.87
CA THR A 2 24.93 -27.10 -7.29
C THR A 2 24.52 -26.12 -8.47
N ASN A 3 23.38 -25.43 -8.31
CA ASN A 3 22.82 -24.41 -9.21
C ASN A 3 22.55 -24.62 -10.69
N VAL A 4 23.51 -24.29 -11.53
CA VAL A 4 23.29 -24.36 -12.95
C VAL A 4 23.10 -25.70 -13.68
N GLY A 5 21.85 -26.17 -13.66
CA GLY A 5 21.36 -27.39 -14.34
C GLY A 5 21.94 -28.75 -14.74
N GLU A 6 21.05 -29.43 -15.48
CA GLU A 6 21.19 -30.81 -16.02
C GLU A 6 22.22 -31.81 -15.50
N ASP A 7 21.70 -32.46 -14.48
CA ASP A 7 22.29 -33.50 -13.68
C ASP A 7 21.03 -33.52 -12.81
N GLY A 8 20.48 -34.68 -12.47
CA GLY A 8 19.26 -34.66 -11.65
C GLY A 8 19.40 -33.78 -10.42
N GLU A 9 20.65 -33.80 -9.91
CA GLU A 9 21.18 -33.12 -8.72
C GLU A 9 20.35 -32.22 -7.87
N PRO A 10 20.39 -32.50 -6.55
CA PRO A 10 19.70 -31.85 -5.46
C PRO A 10 19.41 -30.39 -5.61
N GLY A 11 20.08 -29.51 -4.88
CA GLY A 11 19.76 -28.09 -5.04
C GLY A 11 19.79 -27.52 -6.49
N GLU A 12 20.37 -28.30 -7.38
CA GLU A 12 20.50 -27.90 -8.78
C GLU A 12 19.21 -27.75 -9.62
N THR A 13 18.93 -26.46 -9.88
CA THR A 13 17.79 -26.00 -10.71
C THR A 13 18.28 -26.01 -12.19
N GLU A 14 17.48 -25.54 -13.14
CA GLU A 14 17.99 -25.57 -14.50
C GLU A 14 18.42 -24.13 -14.76
N PRO A 15 18.85 -23.82 -15.99
CA PRO A 15 19.29 -22.49 -16.42
C PRO A 15 18.15 -21.58 -16.81
N ARG A 16 18.38 -20.27 -16.72
CA ARG A 16 17.40 -19.26 -17.12
C ARG A 16 18.20 -18.10 -17.77
N HIS A 17 18.09 -17.99 -19.10
CA HIS A 17 18.74 -16.90 -19.88
C HIS A 17 17.67 -15.82 -19.80
N ALA A 18 17.69 -15.08 -18.70
CA ALA A 18 16.70 -14.07 -18.46
C ALA A 18 16.56 -13.10 -19.58
N LEU A 19 15.35 -12.57 -19.60
CA LEU A 19 14.88 -11.66 -20.60
C LEU A 19 15.58 -10.33 -20.83
N SER A 20 15.15 -9.69 -21.92
CA SER A 20 15.59 -8.37 -22.42
C SER A 20 14.74 -7.23 -21.77
N PRO A 21 14.77 -6.00 -22.31
CA PRO A 21 13.89 -5.14 -21.51
C PRO A 21 12.57 -4.51 -21.99
N VAL A 22 12.50 -3.85 -23.18
CA VAL A 22 11.26 -3.11 -23.71
C VAL A 22 10.72 -2.24 -22.60
N ASP A 23 9.77 -1.36 -22.87
CA ASP A 23 9.10 -0.51 -21.84
C ASP A 23 9.81 0.05 -20.56
N MET A 24 11.04 -0.36 -20.28
CA MET A 24 11.81 0.07 -19.11
C MET A 24 10.99 0.28 -17.80
N HIS A 25 10.02 -0.61 -17.58
CA HIS A 25 9.16 -0.57 -16.39
C HIS A 25 8.22 0.66 -16.26
N VAL A 26 8.71 1.83 -16.69
CA VAL A 26 8.04 3.17 -16.75
C VAL A 26 6.53 3.36 -16.47
N HIS A 27 5.72 2.37 -16.78
CA HIS A 27 4.34 2.57 -16.48
C HIS A 27 4.07 2.48 -14.99
N THR A 28 4.85 1.68 -14.29
CA THR A 28 4.70 1.48 -12.85
C THR A 28 5.35 2.58 -12.00
N ASP A 29 5.73 3.65 -12.66
CA ASP A 29 6.37 4.81 -12.06
C ASP A 29 5.27 5.52 -11.31
N VAL A 30 5.35 5.57 -9.99
CA VAL A 30 4.31 6.21 -9.19
C VAL A 30 3.99 7.65 -9.66
N SER A 31 5.00 8.44 -10.03
CA SER A 31 4.75 9.81 -10.51
C SER A 31 3.87 9.92 -11.79
N PHE A 32 3.99 8.92 -12.67
CA PHE A 32 3.27 8.82 -13.93
C PHE A 32 1.86 8.27 -13.80
N LEU A 33 1.71 7.26 -12.96
CA LEU A 33 0.41 6.67 -12.72
C LEU A 33 -0.50 7.74 -12.13
N LEU A 34 0.08 8.70 -11.43
CA LEU A 34 -0.75 9.69 -10.79
C LEU A 34 -0.99 11.01 -11.43
N ASP A 35 -0.22 11.36 -12.46
CA ASP A 35 -0.44 12.65 -13.10
C ASP A 35 -1.55 12.70 -14.14
N ARG A 36 -2.71 12.09 -13.90
CA ARG A 36 -3.79 12.17 -14.88
C ARG A 36 -5.11 12.48 -14.19
N PHE A 37 -6.17 12.70 -14.96
CA PHE A 37 -7.46 13.05 -14.36
C PHE A 37 -8.32 11.87 -13.93
N PHE A 38 -8.76 11.93 -12.69
CA PHE A 38 -9.57 10.88 -12.13
C PHE A 38 -10.92 11.39 -11.78
N ASP A 39 -11.93 10.56 -12.02
CA ASP A 39 -13.29 10.96 -11.69
C ASP A 39 -13.34 10.47 -10.26
N VAL A 40 -13.10 11.38 -9.32
CA VAL A 40 -13.15 11.07 -7.90
C VAL A 40 -14.31 11.95 -7.48
N GLU A 41 -15.30 11.36 -6.81
CA GLU A 41 -16.47 12.11 -6.37
C GLU A 41 -17.45 12.65 -7.38
N THR A 42 -18.51 13.12 -6.76
CA THR A 42 -19.63 13.65 -7.46
C THR A 42 -20.37 14.36 -6.37
N LEU A 43 -20.72 15.65 -6.58
CA LEU A 43 -21.41 16.43 -5.52
C LEU A 43 -22.30 17.45 -6.15
N GLU A 44 -23.25 17.94 -5.34
CA GLU A 44 -24.22 18.93 -5.79
C GLU A 44 -23.85 20.33 -5.32
N LEU A 45 -24.42 21.35 -5.96
CA LEU A 45 -24.11 22.71 -5.58
C LEU A 45 -24.88 23.25 -4.41
N SER A 46 -24.67 24.53 -4.15
CA SER A 46 -25.29 25.23 -3.03
C SER A 46 -26.01 26.47 -3.62
N ASN A 47 -27.16 26.89 -3.03
CA ASN A 47 -27.87 28.08 -3.57
C ASN A 47 -27.04 29.29 -3.17
N LEU A 48 -27.06 30.29 -4.04
CA LEU A 48 -26.30 31.54 -3.87
C LEU A 48 -26.58 32.15 -2.50
N THR A 49 -27.66 31.71 -1.88
CA THR A 49 -28.10 32.20 -0.60
C THR A 49 -28.42 31.05 0.37
N GLY A 50 -28.24 31.34 1.65
CA GLY A 50 -28.48 30.37 2.73
C GLY A 50 -27.24 30.52 3.55
N SER A 51 -26.86 29.52 4.32
CA SER A 51 -25.60 29.62 5.07
C SER A 51 -24.97 28.24 4.84
N PRO A 52 -24.52 28.01 3.59
CA PRO A 52 -23.89 26.79 3.07
C PRO A 52 -22.62 26.15 3.66
N ALA A 53 -22.29 25.00 3.08
CA ALA A 53 -21.17 24.18 3.50
C ALA A 53 -20.06 23.99 2.47
N THR A 54 -18.83 24.07 2.98
CA THR A 54 -17.63 23.89 2.16
C THR A 54 -17.49 22.39 1.97
N HIS A 55 -16.78 21.99 0.92
CA HIS A 55 -16.56 20.57 0.65
C HIS A 55 -15.09 20.20 0.80
N VAL A 56 -14.78 18.99 1.29
CA VAL A 56 -13.36 18.64 1.47
C VAL A 56 -12.68 17.65 0.56
N LEU A 57 -11.58 18.12 0.00
CA LEU A 57 -10.81 17.35 -0.94
C LEU A 57 -10.03 16.32 -0.15
N ASP A 58 -10.65 15.20 0.17
CA ASP A 58 -9.94 14.21 0.92
C ASP A 58 -10.12 12.95 0.12
N PRO A 59 -9.12 12.64 -0.73
CA PRO A 59 -9.18 11.42 -1.54
C PRO A 59 -8.52 10.24 -0.80
N PHE A 60 -8.43 10.32 0.53
CA PHE A 60 -7.76 9.28 1.34
C PHE A 60 -8.68 8.26 2.00
N GLY A 61 -9.98 8.55 2.02
CA GLY A 61 -10.94 7.62 2.60
C GLY A 61 -11.11 6.31 1.82
N SER A 62 -11.45 6.42 0.53
CA SER A 62 -11.59 5.24 -0.32
C SER A 62 -12.91 4.46 -0.16
N THR A 63 -12.80 3.14 -0.32
CA THR A 63 -13.86 2.15 -0.24
C THR A 63 -14.58 1.90 -1.56
N ALA A 64 -14.62 2.93 -2.42
CA ALA A 64 -15.26 2.88 -3.75
C ALA A 64 -14.31 2.22 -4.72
N GLN A 65 -14.80 1.22 -5.43
CA GLN A 65 -13.97 0.45 -6.35
C GLN A 65 -13.52 1.33 -7.47
N LEU A 66 -12.33 1.92 -7.35
CA LEU A 66 -11.83 2.82 -8.39
C LEU A 66 -10.36 2.95 -8.81
N ALA A 67 -9.50 2.02 -8.42
CA ALA A 67 -8.10 2.09 -8.86
C ALA A 67 -7.37 3.20 -8.15
N TRP A 68 -7.84 4.41 -8.28
CA TRP A 68 -7.16 5.48 -7.59
C TRP A 68 -7.51 5.35 -6.11
N ALA A 69 -8.57 4.59 -5.84
CA ALA A 69 -9.01 4.34 -4.48
C ALA A 69 -7.82 3.67 -3.86
N ARG A 70 -7.56 2.42 -4.28
CA ARG A 70 -6.38 1.65 -3.84
C ARG A 70 -5.28 2.47 -4.47
N LEU A 71 -4.02 2.14 -4.31
CA LEU A 71 -2.98 2.99 -4.90
C LEU A 71 -2.68 4.09 -3.89
N LEU A 72 -3.69 4.87 -3.48
CA LEU A 72 -3.46 5.85 -2.44
C LEU A 72 -3.36 5.03 -1.15
N ASN A 73 -3.88 3.80 -1.17
CA ASN A 73 -3.89 2.86 -0.02
C ASN A 73 -2.63 1.99 0.09
N THR A 74 -1.87 2.11 -0.97
CA THR A 74 -0.63 1.44 -1.19
C THR A 74 0.50 2.09 -0.43
N CYS A 75 0.28 3.26 0.13
CA CYS A 75 1.36 3.86 0.81
C CYS A 75 0.94 4.48 2.08
N THR A 76 1.89 4.52 2.98
CA THR A 76 1.74 5.07 4.29
C THR A 76 1.68 6.57 4.22
N TYR A 77 2.68 7.19 3.58
CA TYR A 77 2.72 8.65 3.49
C TYR A 77 2.75 9.20 2.05
N PHE A 78 1.96 10.25 1.80
CA PHE A 78 1.78 10.83 0.48
C PHE A 78 1.92 12.33 0.32
N PHE A 79 2.40 12.73 -0.84
CA PHE A 79 2.58 14.12 -1.21
C PHE A 79 2.53 14.25 -2.73
N SER A 80 1.72 15.20 -3.16
CA SER A 80 1.51 15.56 -4.57
C SER A 80 0.70 16.85 -4.56
N ASP A 81 0.74 17.56 -5.68
CA ASP A 81 -0.02 18.81 -5.85
C ASP A 81 -1.37 18.40 -6.41
N LEU A 82 -2.27 19.35 -6.59
CA LEU A 82 -3.56 18.97 -7.06
C LEU A 82 -3.95 19.63 -8.34
N GLU A 83 -4.89 19.00 -9.02
CA GLU A 83 -5.41 19.56 -10.21
C GLU A 83 -6.82 19.11 -10.43
N LEU A 84 -7.63 20.08 -10.75
CA LEU A 84 -9.04 19.90 -10.95
C LEU A 84 -9.66 20.18 -12.30
N SER A 85 -10.87 19.61 -12.38
CA SER A 85 -11.82 19.71 -13.48
C SER A 85 -13.12 19.53 -12.70
N ILE A 86 -14.08 20.40 -12.99
CA ILE A 86 -15.40 20.37 -12.35
C ILE A 86 -16.23 20.55 -13.57
N GLN A 87 -17.18 19.64 -13.76
CA GLN A 87 -17.97 19.64 -14.99
C GLN A 87 -19.43 19.99 -14.99
N PHE A 88 -20.11 19.89 -13.87
CA PHE A 88 -21.53 20.17 -13.87
C PHE A 88 -22.38 19.58 -14.99
N LYS A 89 -23.12 18.57 -14.57
CA LYS A 89 -24.02 17.84 -15.43
C LYS A 89 -25.39 18.42 -15.16
N PHE A 90 -26.30 18.13 -16.07
CA PHE A 90 -27.66 18.58 -15.96
C PHE A 90 -28.48 17.41 -15.47
N THR A 91 -29.47 17.70 -14.62
CA THR A 91 -30.39 16.71 -14.02
C THR A 91 -31.89 16.99 -14.35
N THR A 92 -32.10 17.95 -15.23
CA THR A 92 -33.44 18.31 -15.70
C THR A 92 -33.37 18.69 -17.19
N THR A 93 -34.37 19.46 -17.63
CA THR A 93 -34.39 19.87 -19.01
C THR A 93 -33.40 20.99 -19.12
N PRO A 94 -32.40 20.81 -19.96
CA PRO A 94 -31.39 21.84 -20.13
C PRO A 94 -31.90 23.26 -20.47
N SER A 95 -33.13 23.41 -20.93
CA SER A 95 -33.64 24.75 -21.28
C SER A 95 -34.10 25.64 -20.10
N SER A 96 -33.97 25.11 -18.86
CA SER A 96 -34.37 25.81 -17.60
C SER A 96 -33.42 26.90 -17.15
N VAL A 97 -32.15 26.72 -17.51
CA VAL A 97 -31.12 27.70 -17.16
C VAL A 97 -30.68 28.44 -18.41
N GLY A 98 -30.98 29.74 -18.35
CA GLY A 98 -30.67 30.67 -19.41
C GLY A 98 -29.34 31.28 -19.09
N GLU A 99 -29.10 31.60 -17.83
CA GLU A 99 -27.80 32.15 -17.45
C GLU A 99 -26.96 30.98 -16.94
N GLY A 100 -27.02 30.71 -15.64
CA GLY A 100 -26.25 29.61 -15.11
C GLY A 100 -24.88 30.09 -14.74
N PHE A 101 -24.86 31.15 -13.96
CA PHE A 101 -23.60 31.66 -13.52
C PHE A 101 -23.21 30.93 -12.25
N VAL A 102 -22.07 30.24 -12.29
CA VAL A 102 -21.57 29.44 -11.15
C VAL A 102 -20.36 29.97 -10.45
N TRP A 103 -20.47 30.18 -9.13
CA TRP A 103 -19.34 30.64 -8.36
C TRP A 103 -18.70 29.49 -7.63
N VAL A 104 -17.38 29.43 -7.74
CA VAL A 104 -16.53 28.40 -7.13
C VAL A 104 -15.42 29.16 -6.41
N LYS A 105 -14.98 28.67 -5.26
CA LYS A 105 -13.88 29.30 -4.53
C LYS A 105 -13.07 28.15 -3.94
N TRP A 106 -11.74 28.27 -3.93
CA TRP A 106 -10.91 27.23 -3.37
C TRP A 106 -10.33 27.75 -2.09
N PHE A 107 -10.34 26.89 -1.07
CA PHE A 107 -9.87 27.16 0.31
C PHE A 107 -8.69 26.25 0.67
N PRO A 108 -7.52 26.85 0.94
CA PRO A 108 -6.25 26.21 1.29
C PRO A 108 -6.24 25.56 2.67
N VAL A 109 -5.49 24.48 2.82
CA VAL A 109 -5.44 23.72 4.07
C VAL A 109 -5.41 24.58 5.31
N GLY A 110 -6.58 24.73 5.94
CA GLY A 110 -6.70 25.52 7.17
C GLY A 110 -7.27 26.95 7.18
N ALA A 111 -8.17 27.19 6.23
CA ALA A 111 -8.82 28.49 6.08
C ALA A 111 -10.08 28.66 6.93
N PRO A 112 -10.45 29.90 7.27
CA PRO A 112 -11.65 30.18 8.06
C PRO A 112 -12.85 29.66 7.25
N THR A 113 -14.04 29.63 7.85
CA THR A 113 -15.17 29.09 7.12
C THR A 113 -16.62 29.64 7.10
N LYS A 114 -17.19 30.20 8.19
CA LYS A 114 -18.63 30.62 8.11
C LYS A 114 -19.01 31.63 7.00
N THR A 115 -19.96 31.23 6.14
CA THR A 115 -20.43 32.07 5.02
C THR A 115 -21.95 32.18 4.91
N THR A 116 -22.41 33.40 4.69
CA THR A 116 -23.81 33.66 4.53
C THR A 116 -23.84 34.66 3.41
N ASP A 117 -24.99 34.89 2.80
CA ASP A 117 -25.09 35.87 1.70
C ASP A 117 -24.47 37.12 2.26
N ALA A 118 -23.73 37.86 1.43
CA ALA A 118 -23.10 39.04 1.94
C ALA A 118 -22.70 39.98 0.82
N TRP A 119 -22.80 39.53 -0.41
CA TRP A 119 -22.44 40.40 -1.50
C TRP A 119 -23.73 40.68 -2.21
N GLN A 120 -24.09 41.95 -2.39
CA GLN A 120 -25.31 42.22 -3.13
C GLN A 120 -25.22 43.02 -4.46
N LEU A 121 -25.54 42.31 -5.56
CA LEU A 121 -25.56 42.87 -6.91
C LEU A 121 -27.01 43.26 -7.14
N GLU A 122 -27.24 44.48 -7.59
CA GLU A 122 -28.61 44.92 -7.79
C GLU A 122 -28.75 45.65 -9.07
N GLY A 123 -29.97 45.65 -9.64
CA GLY A 123 -30.19 46.36 -10.89
C GLY A 123 -31.50 46.07 -11.61
N GLY A 124 -32.50 46.92 -11.39
CA GLY A 124 -33.80 46.70 -11.99
C GLY A 124 -34.63 45.76 -11.11
N GLY A 125 -34.68 46.10 -9.82
CA GLY A 125 -35.39 45.31 -8.83
C GLY A 125 -34.70 43.98 -8.68
N ASN A 126 -35.48 42.96 -8.41
CA ASN A 126 -35.02 41.57 -8.23
C ASN A 126 -33.71 41.38 -7.41
N SER A 127 -32.57 41.84 -7.95
CA SER A 127 -31.24 41.82 -7.29
C SER A 127 -30.60 40.58 -6.64
N VAL A 128 -29.45 40.15 -7.13
CA VAL A 128 -28.79 38.95 -6.60
C VAL A 128 -27.80 39.12 -5.47
N ARG A 129 -27.76 38.10 -4.61
CA ARG A 129 -26.86 38.09 -3.48
C ARG A 129 -25.99 36.91 -3.68
N ILE A 130 -24.66 37.06 -3.64
CA ILE A 130 -23.80 35.90 -3.81
C ILE A 130 -23.27 35.65 -2.43
N GLN A 131 -22.47 34.60 -2.28
CA GLN A 131 -21.94 34.27 -0.95
C GLN A 131 -20.81 35.12 -0.39
N GLN A 132 -20.78 35.25 0.94
CA GLN A 132 -19.76 36.05 1.59
C GLN A 132 -18.34 35.62 1.16
N LEU A 133 -18.12 34.33 0.90
CA LEU A 133 -16.79 33.87 0.47
C LEU A 133 -16.81 33.40 -0.97
N ALA A 134 -17.95 33.50 -1.67
CA ALA A 134 -17.98 33.06 -3.03
C ALA A 134 -17.18 34.10 -3.75
N VAL A 135 -17.21 35.32 -3.21
CA VAL A 135 -16.52 36.50 -3.80
C VAL A 135 -15.10 36.28 -4.23
N ALA A 136 -14.63 37.18 -5.06
CA ALA A 136 -13.27 37.08 -5.54
C ALA A 136 -12.27 37.80 -4.63
N GLY A 137 -11.12 37.17 -4.43
CA GLY A 137 -10.07 37.73 -3.58
C GLY A 137 -8.85 36.86 -3.29
N MET A 138 -8.53 36.71 -2.01
CA MET A 138 -7.40 35.93 -1.50
C MET A 138 -7.30 34.45 -2.01
N SER A 139 -8.37 33.66 -1.77
CA SER A 139 -8.46 32.25 -2.20
C SER A 139 -9.01 32.41 -3.61
N PRO A 140 -8.56 31.62 -4.58
CA PRO A 140 -9.05 31.74 -5.96
C PRO A 140 -10.54 31.48 -6.18
N THR A 141 -11.20 32.38 -6.91
CA THR A 141 -12.63 32.24 -7.22
C THR A 141 -12.59 31.83 -8.67
N VAL A 142 -13.63 31.15 -9.14
CA VAL A 142 -13.72 30.77 -10.54
C VAL A 142 -15.15 30.80 -10.80
N VAL A 143 -15.51 31.63 -11.76
CA VAL A 143 -16.89 31.79 -12.14
C VAL A 143 -17.02 31.34 -13.59
N PHE A 144 -17.97 30.50 -13.91
CA PHE A 144 -18.10 30.17 -15.31
C PHE A 144 -19.58 30.08 -15.64
N LYS A 145 -19.89 30.15 -16.91
CA LYS A 145 -21.28 30.12 -17.34
C LYS A 145 -21.55 28.80 -18.00
N ILE A 146 -22.79 28.36 -17.89
CA ILE A 146 -23.22 27.13 -18.51
C ILE A 146 -24.39 27.54 -19.35
N ALA A 147 -24.19 28.11 -20.50
CA ALA A 147 -25.38 28.49 -21.24
C ALA A 147 -24.85 28.36 -22.60
N GLY A 148 -25.00 27.13 -23.07
CA GLY A 148 -24.50 26.78 -24.39
C GLY A 148 -23.02 26.51 -24.23
N SER A 149 -22.46 26.86 -23.07
CA SER A 149 -21.05 26.68 -22.76
C SER A 149 -20.63 25.32 -23.32
N ARG A 150 -20.07 25.29 -24.54
CA ARG A 150 -19.65 24.08 -25.27
C ARG A 150 -19.06 22.95 -24.43
N SER A 151 -18.67 23.25 -23.17
CA SER A 151 -18.12 22.32 -22.17
C SER A 151 -18.55 22.96 -20.88
N GLN A 152 -19.47 22.34 -20.18
CA GLN A 152 -19.96 23.00 -18.99
C GLN A 152 -19.01 22.98 -17.83
N ALA A 153 -17.74 22.76 -18.14
CA ALA A 153 -16.72 22.66 -17.13
C ALA A 153 -15.73 23.79 -17.04
N CYS A 154 -15.04 23.79 -15.91
CA CYS A 154 -14.00 24.74 -15.56
C CYS A 154 -12.84 23.91 -14.98
N GLY A 155 -11.67 24.53 -14.72
CA GLY A 155 -10.53 23.79 -14.18
C GLY A 155 -9.23 24.55 -13.86
N PHE A 156 -8.43 23.97 -12.95
CA PHE A 156 -7.19 24.60 -12.50
C PHE A 156 -6.25 23.79 -11.58
N SER A 157 -5.05 24.34 -11.33
CA SER A 157 -4.03 23.73 -10.48
C SER A 157 -3.92 24.43 -9.16
N VAL A 158 -3.77 23.60 -8.14
CA VAL A 158 -3.63 24.06 -6.77
C VAL A 158 -2.58 23.23 -6.00
N PRO A 159 -1.64 23.95 -5.34
CA PRO A 159 -0.51 23.46 -4.52
C PRO A 159 -0.75 22.75 -3.23
N TYR A 160 0.29 22.02 -2.83
CA TYR A 160 0.20 21.28 -1.58
C TYR A 160 0.21 22.30 -0.43
N THR A 161 -0.95 22.45 0.17
CA THR A 161 -1.14 23.42 1.21
C THR A 161 -0.84 23.03 2.65
N SER A 162 -1.21 21.80 2.99
CA SER A 162 -1.01 21.33 4.35
C SER A 162 0.23 21.80 5.08
N MET A 163 0.09 21.82 6.41
CA MET A 163 1.16 22.22 7.28
C MET A 163 1.95 21.01 7.67
N TRP A 164 1.64 19.89 7.03
CA TRP A 164 2.33 18.64 7.30
C TRP A 164 3.29 18.38 6.16
N ARG A 165 4.58 18.21 6.46
CA ARG A 165 5.60 17.98 5.42
C ARG A 165 5.27 16.84 4.44
N VAL A 166 4.31 16.02 4.86
CA VAL A 166 3.81 14.89 4.11
C VAL A 166 2.43 14.56 4.78
N VAL A 167 1.59 13.74 4.13
CA VAL A 167 0.28 13.37 4.70
C VAL A 167 0.22 11.90 5.03
N PRO A 168 -0.09 11.54 6.30
CA PRO A 168 -0.18 10.17 6.76
C PRO A 168 -1.52 9.69 6.29
N VAL A 169 -1.51 8.72 5.39
CA VAL A 169 -2.75 8.18 4.84
C VAL A 169 -3.34 7.22 5.85
N PHE A 170 -2.53 6.97 6.89
CA PHE A 170 -2.85 6.12 8.03
C PHE A 170 -2.27 6.77 9.32
N TYR A 171 -3.02 6.76 10.45
CA TYR A 171 -2.51 7.37 11.71
C TYR A 171 -2.91 6.67 13.02
N ASN A 172 -1.93 5.98 13.59
CA ASN A 172 -2.03 5.23 14.83
C ASN A 172 -1.85 6.31 15.88
N GLY A 173 -2.89 7.11 16.04
CA GLY A 173 -2.85 8.16 17.02
C GLY A 173 -4.12 8.96 16.88
N TRP A 174 -4.22 10.07 17.61
CA TRP A 174 -5.40 10.94 17.51
C TRP A 174 -4.86 12.31 17.16
N GLY A 175 -5.74 13.15 16.60
CA GLY A 175 -5.38 14.51 16.23
C GLY A 175 -5.80 15.53 17.30
N ALA A 176 -6.41 15.03 18.39
CA ALA A 176 -6.87 15.86 19.51
C ALA A 176 -6.57 15.26 20.88
N PRO A 177 -6.38 16.11 21.90
CA PRO A 177 -6.09 15.76 23.30
C PRO A 177 -7.21 14.90 23.87
N THR A 178 -8.40 15.18 23.35
CA THR A 178 -9.59 14.48 23.73
C THR A 178 -9.62 13.26 22.77
N LYS A 179 -9.09 12.15 23.26
CA LYS A 179 -9.01 10.93 22.49
C LYS A 179 -10.36 10.35 22.11
N GLU A 180 -11.26 11.16 21.53
CA GLU A 180 -12.63 10.75 21.16
C GLU A 180 -12.63 9.83 19.94
N LYS A 181 -13.76 9.18 19.68
CA LYS A 181 -13.89 8.37 18.46
C LYS A 181 -14.05 9.49 17.46
N ALA A 182 -13.76 9.20 16.20
CA ALA A 182 -13.81 10.18 15.10
C ALA A 182 -12.42 10.78 15.01
N THR A 183 -11.83 11.13 16.14
CA THR A 183 -10.47 11.66 16.18
C THR A 183 -9.40 10.59 16.01
N TYR A 184 -9.75 9.39 15.51
CA TYR A 184 -8.73 8.35 15.35
C TYR A 184 -7.79 8.65 14.20
N ASN A 185 -7.73 7.82 13.16
CA ASN A 185 -6.81 8.12 12.05
C ASN A 185 -7.28 9.43 11.48
N TRP A 186 -6.95 10.51 12.18
CA TRP A 186 -7.37 11.79 11.73
C TRP A 186 -6.26 12.77 11.51
N LEU A 187 -5.77 13.44 12.57
CA LEU A 187 -4.70 14.43 12.37
C LEU A 187 -5.16 15.42 11.27
N PRO A 188 -5.66 16.61 11.69
CA PRO A 188 -6.18 17.70 10.87
C PRO A 188 -5.31 18.17 9.70
N GLY A 189 -5.94 18.72 8.65
CA GLY A 189 -5.17 19.24 7.54
C GLY A 189 -4.29 18.23 6.84
N ALA A 190 -4.76 16.99 6.84
CA ALA A 190 -4.15 15.82 6.21
C ALA A 190 -5.00 15.66 4.94
N HIS A 191 -4.99 16.68 4.07
CA HIS A 191 -5.77 16.74 2.82
C HIS A 191 -5.37 17.98 2.01
N PHE A 192 -6.07 18.23 0.90
CA PHE A 192 -5.80 19.34 0.00
C PHE A 192 -6.50 20.68 0.20
N GLY A 193 -7.42 20.81 1.13
CA GLY A 193 -8.09 22.10 1.29
C GLY A 193 -9.52 21.91 0.84
N SER A 194 -10.31 22.96 0.67
CA SER A 194 -11.70 22.75 0.27
C SER A 194 -12.29 23.65 -0.82
N ILE A 195 -13.49 23.30 -1.28
CA ILE A 195 -14.18 24.09 -2.30
C ILE A 195 -15.68 24.29 -2.09
N LEU A 196 -16.13 25.38 -2.67
CA LEU A 196 -17.51 25.80 -2.59
C LEU A 196 -18.06 26.08 -3.99
N LEU A 197 -19.05 25.31 -4.39
CA LEU A 197 -19.69 25.53 -5.67
C LEU A 197 -21.00 26.14 -5.20
N THR A 198 -21.51 27.15 -5.93
CA THR A 198 -22.75 27.85 -5.56
C THR A 198 -23.38 28.49 -6.82
N SER A 199 -24.67 28.29 -7.08
CA SER A 199 -25.32 28.92 -8.24
C SER A 199 -26.83 28.90 -8.40
N ASP A 200 -27.35 29.75 -9.30
CA ASP A 200 -28.78 29.79 -9.57
C ASP A 200 -29.29 28.43 -10.17
N ALA A 201 -28.39 27.46 -10.22
CA ALA A 201 -28.72 26.12 -10.63
C ALA A 201 -28.79 25.58 -9.20
N HIS A 202 -27.96 24.60 -8.84
CA HIS A 202 -27.93 23.98 -7.48
C HIS A 202 -28.92 22.84 -7.55
N ASP A 203 -30.12 23.20 -7.96
CA ASP A 203 -31.11 22.21 -8.31
C ASP A 203 -30.76 22.29 -9.83
N LYS A 204 -31.29 21.40 -10.67
CA LYS A 204 -30.96 21.41 -12.12
C LYS A 204 -29.54 20.83 -12.38
N GLY A 205 -28.81 20.50 -11.31
CA GLY A 205 -27.47 19.98 -11.52
C GLY A 205 -26.59 19.41 -10.42
N GLY A 206 -25.74 18.49 -10.88
CA GLY A 206 -24.80 17.82 -10.01
C GLY A 206 -23.45 18.28 -10.52
N CYS A 207 -22.33 17.77 -9.97
CA CYS A 207 -21.07 18.27 -10.45
C CYS A 207 -19.93 17.58 -11.18
N TYR A 208 -19.36 16.51 -10.65
CA TYR A 208 -18.20 15.85 -11.33
C TYR A 208 -16.87 16.27 -10.84
N LEU A 209 -16.42 15.67 -9.76
CA LEU A 209 -15.14 16.07 -9.33
C LEU A 209 -14.16 15.21 -10.08
N ARG A 210 -12.98 15.81 -10.30
CA ARG A 210 -11.87 15.21 -10.99
C ARG A 210 -10.57 15.77 -10.45
N TYR A 211 -9.67 14.89 -10.03
CA TYR A 211 -8.38 15.29 -9.51
C TYR A 211 -7.31 14.74 -10.41
N ARG A 212 -6.19 15.42 -10.43
CA ARG A 212 -5.01 14.98 -11.13
C ARG A 212 -3.99 15.29 -10.07
N PHE A 213 -3.12 14.34 -9.77
CA PHE A 213 -2.15 14.63 -8.74
C PHE A 213 -0.76 14.72 -9.31
N PRO A 214 -0.29 15.91 -9.73
CA PRO A 214 1.09 15.82 -10.24
C PRO A 214 2.09 15.61 -9.10
N ARG A 215 3.37 15.48 -9.46
CA ARG A 215 4.46 15.34 -8.48
C ARG A 215 4.13 14.36 -7.38
N ALA A 216 3.75 13.18 -7.78
CA ALA A 216 3.44 12.23 -6.76
C ALA A 216 4.69 11.67 -6.05
N ASN A 217 4.62 11.63 -4.71
CA ASN A 217 5.69 11.10 -3.90
C ASN A 217 5.09 10.11 -2.91
N MET A 218 5.45 8.84 -3.01
CA MET A 218 4.90 7.86 -2.08
C MET A 218 6.00 7.25 -1.20
N TYR A 219 5.75 7.27 0.11
CA TYR A 219 6.68 6.75 1.12
C TYR A 219 6.03 5.62 1.84
N CYS A 220 6.83 4.58 2.09
CA CYS A 220 6.45 3.31 2.75
C CYS A 220 5.34 2.47 2.13
N PRO A 221 5.73 1.47 1.33
CA PRO A 221 4.81 0.57 0.63
C PRO A 221 3.93 -0.10 1.66
N ARG A 222 2.69 -0.40 1.29
CA ARG A 222 1.78 -1.03 2.20
C ARG A 222 1.10 -2.13 1.45
N PRO A 223 0.34 -2.99 2.15
CA PRO A 223 -0.32 -4.09 1.47
C PRO A 223 -1.29 -3.49 0.50
N ILE A 224 -1.36 -4.10 -0.69
CA ILE A 224 -2.23 -3.69 -1.81
C ILE A 224 -3.50 -4.52 -1.91
N PRO A 225 -4.65 -3.98 -1.48
CA PRO A 225 -5.91 -4.69 -1.55
C PRO A 225 -6.39 -5.38 -2.86
N PRO A 226 -6.69 -6.71 -2.77
CA PRO A 226 -7.14 -7.67 -3.81
C PRO A 226 -8.12 -7.25 -4.87
N ALA A 227 -9.13 -6.50 -4.51
CA ALA A 227 -10.04 -6.06 -5.53
C ALA A 227 -10.95 -7.09 -6.32
N PHE A 228 -10.79 -8.40 -6.13
CA PHE A 228 -11.66 -9.39 -6.81
C PHE A 228 -11.88 -10.59 -5.89
N THR A 229 -12.99 -11.31 -6.02
CA THR A 229 -13.21 -12.44 -5.11
C THR A 229 -12.14 -13.55 -5.30
N ARG A 230 -11.92 -14.40 -4.30
CA ARG A 230 -10.91 -15.46 -4.44
C ARG A 230 -11.43 -16.58 -5.34
N PRO A 231 -10.80 -16.83 -6.50
CA PRO A 231 -11.28 -17.90 -7.37
C PRO A 231 -11.15 -19.33 -6.76
N ALA A 232 -11.82 -20.31 -7.37
CA ALA A 232 -11.78 -21.69 -6.88
C ALA A 232 -10.45 -22.38 -7.10
N ASP A 233 -10.28 -23.48 -6.39
CA ASP A 233 -9.05 -24.23 -6.47
C ASP A 233 -8.55 -24.80 -7.77
N LYS A 234 -7.27 -24.48 -7.98
CA LYS A 234 -6.47 -24.88 -9.11
C LYS A 234 -6.99 -24.32 -10.42
N THR A 235 -7.89 -23.35 -10.32
CA THR A 235 -8.44 -22.71 -11.50
C THR A 235 -7.86 -21.31 -11.59
N ARG A 236 -8.24 -20.65 -12.70
CA ARG A 236 -7.90 -19.26 -13.02
C ARG A 236 -9.10 -18.40 -12.58
N HIS A 237 -9.14 -17.19 -13.08
CA HIS A 237 -10.19 -16.29 -12.73
C HIS A 237 -10.54 -15.85 -14.13
N LYS A 238 -11.57 -16.39 -14.77
CA LYS A 238 -11.85 -15.96 -16.15
C LYS A 238 -12.56 -14.59 -16.18
N PHE A 239 -12.18 -13.72 -17.12
CA PHE A 239 -12.74 -12.34 -17.17
C PHE A 239 -13.04 -11.92 -18.61
N PRO A 240 -13.91 -10.90 -18.82
CA PRO A 240 -14.14 -10.46 -20.20
C PRO A 240 -13.03 -9.43 -20.63
N THR A 241 -12.52 -9.55 -21.87
CA THR A 241 -11.42 -8.72 -22.43
C THR A 241 -11.45 -8.41 -23.93
N ASN A 242 -10.43 -7.67 -24.35
CA ASN A 242 -10.17 -7.31 -25.75
C ASN A 242 -9.59 -8.48 -26.55
N ILE A 243 -9.40 -9.56 -25.84
CA ILE A 243 -8.85 -10.77 -26.40
C ILE A 243 -10.09 -11.69 -26.48
N ASN A 244 -9.97 -12.86 -25.83
CA ASN A 244 -11.04 -13.85 -25.72
C ASN A 244 -11.61 -14.58 -26.94
N LYS A 245 -12.00 -15.82 -26.67
CA LYS A 245 -12.60 -16.61 -27.68
C LYS A 245 -13.85 -15.86 -28.09
N GLN A 246 -13.90 -15.60 -29.38
CA GLN A 246 -15.02 -14.93 -30.02
C GLN A 246 -15.96 -16.06 -30.52
N CYS A 247 -16.87 -15.77 -31.36
N GLY B 31 21.07 -12.08 12.99
CA GLY B 31 21.20 -11.03 11.88
C GLY B 31 20.42 -9.74 12.12
N THR B 32 20.98 -8.58 11.72
CA THR B 32 20.33 -7.27 11.96
C THR B 32 19.60 -6.66 10.72
N THR B 33 18.27 -6.46 10.82
CA THR B 33 17.43 -5.89 9.74
C THR B 33 16.92 -4.50 10.06
N TYR B 34 17.17 -3.54 9.17
CA TYR B 34 16.78 -2.13 9.34
C TYR B 34 15.43 -1.66 8.84
N CYS B 35 14.71 -0.97 9.70
CA CYS B 35 13.43 -0.45 9.30
C CYS B 35 13.57 0.87 8.50
N TYR B 36 13.55 0.70 7.18
CA TYR B 36 13.67 1.77 6.18
C TYR B 36 15.01 2.56 6.16
N SER B 37 15.68 2.70 7.31
CA SER B 37 16.97 3.37 7.42
C SER B 37 17.57 3.51 8.82
N LYS B 38 18.90 3.49 8.89
CA LYS B 38 19.60 3.62 10.17
C LYS B 38 19.03 4.85 10.89
N PRO B 39 19.02 4.87 12.22
CA PRO B 39 18.50 6.02 12.98
C PRO B 39 19.39 7.28 13.00
N ASP B 40 18.74 8.40 12.76
CA ASP B 40 19.39 9.70 12.73
C ASP B 40 19.25 10.38 14.09
N GLY B 41 20.36 10.91 14.58
CA GLY B 41 20.32 11.59 15.85
C GLY B 41 20.05 13.06 15.61
N ARG B 42 19.43 13.38 14.50
CA ARG B 42 19.21 14.77 14.23
C ARG B 42 18.18 15.23 15.22
N PRO B 43 18.26 16.51 15.59
CA PRO B 43 17.38 17.25 16.49
C PRO B 43 16.27 17.91 15.64
N PRO B 44 14.97 17.70 16.00
CA PRO B 44 13.72 18.19 15.37
C PRO B 44 13.64 19.54 14.57
N SER B 45 13.45 19.41 13.25
CA SER B 45 13.32 20.54 12.33
C SER B 45 12.23 21.56 12.77
N THR B 46 11.35 21.17 13.73
CA THR B 46 10.21 22.01 14.26
C THR B 46 10.04 22.47 15.76
N VAL B 47 11.16 22.83 16.41
CA VAL B 47 11.24 23.35 17.79
C VAL B 47 12.40 24.31 18.06
N SER B 48 12.07 25.57 18.30
CA SER B 48 13.10 26.55 18.67
C SER B 48 13.38 26.26 20.16
N ASP B 49 12.42 25.56 20.78
CA ASP B 49 12.36 25.10 22.18
C ASP B 49 13.59 24.18 22.55
N PRO B 50 14.20 24.38 23.77
CA PRO B 50 15.36 23.62 24.30
C PRO B 50 15.23 22.10 24.29
N VAL B 51 16.30 21.47 23.77
CA VAL B 51 16.33 20.01 23.56
C VAL B 51 17.28 19.08 24.35
N THR B 52 16.67 18.24 25.18
CA THR B 52 17.37 17.26 26.01
C THR B 52 17.56 15.97 25.21
N ARG B 53 18.81 15.57 24.97
CA ARG B 53 19.06 14.31 24.25
C ARG B 53 19.23 13.26 25.34
N LEU B 54 18.77 12.03 25.06
CA LEU B 54 18.83 10.94 26.02
C LEU B 54 19.92 9.90 25.84
N GLY B 55 20.83 9.97 26.81
CA GLY B 55 21.96 9.09 26.89
C GLY B 55 21.33 7.73 27.11
N PRO B 56 21.93 6.67 26.57
CA PRO B 56 21.48 5.27 26.66
C PRO B 56 21.14 4.96 28.11
N THR B 57 22.07 5.36 28.96
CA THR B 57 21.96 5.19 30.37
C THR B 57 20.62 5.71 30.99
N LEU B 58 19.87 6.48 30.19
CA LEU B 58 18.57 6.97 30.58
C LEU B 58 17.67 6.05 29.77
N SER B 59 17.62 6.20 28.46
CA SER B 59 16.79 5.32 27.63
C SER B 59 17.49 3.99 27.66
N ARG B 60 17.33 3.25 28.72
CA ARG B 60 18.07 2.02 28.79
C ARG B 60 17.55 0.82 27.94
N HIS B 61 17.35 -0.33 28.58
CA HIS B 61 16.85 -1.49 27.86
C HIS B 61 15.75 -2.15 28.65
N TYR B 62 14.78 -2.65 27.91
CA TYR B 62 13.62 -3.25 28.47
C TYR B 62 13.30 -4.56 27.79
N THR B 63 12.84 -5.48 28.63
CA THR B 63 12.58 -6.86 28.27
C THR B 63 11.30 -7.46 28.89
N PHE B 64 10.31 -7.80 28.07
CA PHE B 64 9.03 -8.38 28.56
C PHE B 64 8.57 -9.60 27.72
N LYS B 65 7.57 -10.35 28.20
CA LYS B 65 7.06 -11.52 27.44
C LYS B 65 5.80 -11.06 26.68
N VAL B 66 5.80 -11.28 25.35
CA VAL B 66 4.67 -10.88 24.51
C VAL B 66 3.51 -11.79 24.89
N GLY B 67 3.67 -13.07 24.55
CA GLY B 67 2.63 -14.07 24.84
C GLY B 67 3.00 -15.53 24.55
N GLU B 68 2.10 -16.44 24.90
CA GLU B 68 2.40 -17.83 24.67
C GLU B 68 1.66 -18.36 23.41
N TRP B 69 2.35 -18.33 22.28
CA TRP B 69 1.84 -18.88 21.02
C TRP B 69 1.42 -20.28 21.42
N PRO B 70 0.13 -20.60 21.27
CA PRO B 70 -0.47 -21.90 21.59
C PRO B 70 -0.80 -22.80 20.36
N HIS B 71 -0.99 -24.09 20.60
CA HIS B 71 -1.32 -25.05 19.53
C HIS B 71 -2.64 -24.80 18.73
N SER B 72 -3.62 -24.12 19.34
CA SER B 72 -4.95 -23.85 18.75
C SER B 72 -5.11 -22.65 17.79
N GLN B 73 -4.49 -21.53 18.17
CA GLN B 73 -4.48 -20.29 17.42
C GLN B 73 -4.14 -20.46 15.95
N SER B 74 -5.18 -20.60 15.13
CA SER B 74 -5.02 -20.81 13.68
C SER B 74 -4.25 -19.62 13.14
N HIS B 75 -3.75 -19.74 11.91
CA HIS B 75 -2.98 -18.65 11.31
C HIS B 75 -3.72 -17.33 11.28
N GLY B 76 -3.04 -16.28 10.85
CA GLY B 76 -3.69 -14.97 10.79
C GLY B 76 -3.78 -14.25 12.13
N HIS B 77 -3.32 -14.93 13.17
CA HIS B 77 -3.35 -14.35 14.49
C HIS B 77 -2.16 -13.44 14.61
N ALA B 78 -2.08 -12.72 15.70
CA ALA B 78 -0.96 -11.83 15.92
C ALA B 78 -1.07 -11.07 17.18
N TRP B 79 0.10 -10.64 17.60
CA TRP B 79 0.28 -9.84 18.80
C TRP B 79 0.71 -8.50 18.28
N ILE B 80 -0.04 -7.51 18.68
CA ILE B 80 0.19 -6.17 18.25
C ILE B 80 0.90 -5.56 19.40
N CYS B 81 1.95 -4.87 19.09
CA CYS B 81 2.72 -4.29 20.11
C CYS B 81 2.94 -2.91 19.61
N PRO B 82 2.00 -2.01 19.84
CA PRO B 82 2.35 -0.68 19.31
C PRO B 82 3.27 0.08 20.29
N LEU B 83 4.46 0.42 19.82
CA LEU B 83 5.43 1.06 20.66
C LEU B 83 5.38 2.55 20.88
N PRO B 84 5.47 2.91 22.17
CA PRO B 84 5.62 1.88 23.21
C PRO B 84 4.44 1.66 24.13
N SER B 85 3.62 2.71 24.22
CA SER B 85 2.46 2.82 25.09
C SER B 85 1.84 1.51 25.59
N ASP B 86 1.06 1.63 26.66
CA ASP B 86 0.40 0.51 27.35
C ASP B 86 1.55 0.07 28.23
N LYS B 87 2.61 -0.34 27.59
CA LYS B 87 3.78 -0.83 28.28
C LYS B 87 4.77 0.30 28.65
N LEU B 88 4.38 1.54 28.39
CA LEU B 88 5.25 2.68 28.68
C LEU B 88 5.41 2.92 30.19
N LYS B 89 4.37 2.58 30.96
CA LYS B 89 4.39 2.76 32.42
C LYS B 89 5.54 1.93 32.99
N LYS B 90 5.90 0.87 32.27
CA LYS B 90 6.95 -0.06 32.68
C LYS B 90 8.43 0.19 32.27
N MET B 91 8.71 1.23 31.48
CA MET B 91 10.10 1.52 31.05
C MET B 91 10.90 2.29 32.15
N GLY B 92 10.27 2.36 33.32
CA GLY B 92 10.79 3.01 34.52
C GLY B 92 12.10 3.78 34.62
N SER B 93 12.42 4.61 33.62
CA SER B 93 13.59 5.46 33.67
C SER B 93 13.45 6.25 32.45
N PHE B 94 13.49 5.55 31.32
CA PHE B 94 13.29 6.21 30.03
C PHE B 94 11.88 6.73 30.28
N HIS B 95 11.06 5.83 30.81
CA HIS B 95 9.70 6.08 31.15
C HIS B 95 9.62 7.44 31.76
N GLU B 96 10.35 7.59 32.86
CA GLU B 96 10.34 8.82 33.61
C GLU B 96 10.55 10.15 32.86
N VAL B 97 11.49 10.20 31.93
CA VAL B 97 11.71 11.47 31.27
C VAL B 97 10.65 11.81 30.24
N VAL B 98 10.11 10.80 29.59
CA VAL B 98 9.07 11.02 28.62
C VAL B 98 7.74 11.40 29.31
N LYS B 99 7.70 11.18 30.63
CA LYS B 99 6.52 11.50 31.42
C LYS B 99 6.38 13.00 31.47
N ALA B 100 7.42 13.64 32.02
CA ALA B 100 7.49 15.10 32.21
C ALA B 100 8.13 15.85 31.02
N HIS B 101 7.62 15.57 29.85
CA HIS B 101 8.12 16.16 28.66
C HIS B 101 7.10 16.00 27.59
N HIS B 102 6.87 17.07 26.84
CA HIS B 102 5.88 17.02 25.80
C HIS B 102 6.09 16.09 24.64
N LEU B 103 7.22 16.16 23.94
CA LEU B 103 7.43 15.31 22.75
C LEU B 103 8.74 14.51 22.73
N VAL B 104 8.82 13.53 21.82
CA VAL B 104 9.99 12.66 21.69
C VAL B 104 10.14 12.15 20.26
N LYS B 105 11.38 11.87 19.87
CA LYS B 105 11.76 11.36 18.53
C LYS B 105 12.74 10.27 18.91
N ASN B 106 12.54 9.06 18.45
CA ASN B 106 13.46 8.00 18.84
C ASN B 106 13.24 6.74 18.01
N GLY B 107 14.26 5.92 17.89
CA GLY B 107 14.09 4.69 17.15
C GLY B 107 13.79 3.59 18.14
N TRP B 108 14.04 2.36 17.71
CA TRP B 108 13.82 1.23 18.57
C TRP B 108 14.71 0.06 18.22
N ASP B 109 15.56 -0.38 19.13
CA ASP B 109 16.25 -1.62 18.83
C ASP B 109 15.17 -2.53 19.49
N VAL B 110 14.68 -3.56 18.78
CA VAL B 110 13.63 -4.48 19.29
C VAL B 110 13.97 -5.89 18.88
N VAL B 111 13.87 -6.86 19.78
CA VAL B 111 14.20 -8.24 19.42
C VAL B 111 13.26 -9.25 20.00
N VAL B 112 12.45 -9.78 19.11
CA VAL B 112 11.42 -10.75 19.45
C VAL B 112 12.05 -12.17 19.55
N GLN B 113 11.82 -12.80 20.71
CA GLN B 113 12.34 -14.13 21.07
C GLN B 113 11.40 -15.25 21.52
N VAL B 114 11.03 -16.06 20.55
CA VAL B 114 10.18 -17.19 20.76
C VAL B 114 11.09 -18.24 21.34
N ASN B 115 10.56 -19.04 22.25
CA ASN B 115 11.31 -20.13 22.88
C ASN B 115 10.62 -21.46 22.52
N ALA B 116 11.33 -22.35 21.85
CA ALA B 116 10.74 -23.62 21.51
C ALA B 116 11.85 -24.65 21.17
N SER B 117 11.54 -25.95 21.30
CA SER B 117 12.50 -27.02 20.99
C SER B 117 12.59 -27.37 19.48
N PHE B 118 13.39 -28.38 19.17
CA PHE B 118 13.51 -28.76 17.78
C PHE B 118 12.45 -29.74 17.32
N ALA B 119 11.46 -29.98 18.19
CA ALA B 119 10.37 -30.87 17.85
C ALA B 119 9.12 -30.07 17.50
N HIS B 120 9.21 -28.76 17.62
CA HIS B 120 8.07 -27.91 17.31
C HIS B 120 8.20 -27.51 15.86
N SER B 121 7.10 -27.12 15.25
CA SER B 121 7.15 -26.73 13.87
C SER B 121 6.57 -25.37 13.87
N GLY B 122 6.16 -24.88 12.72
CA GLY B 122 5.60 -23.54 12.66
C GLY B 122 6.55 -22.34 12.53
N ALA B 123 5.96 -21.21 12.14
CA ALA B 123 6.68 -19.97 11.95
C ALA B 123 5.79 -18.72 12.13
N LEU B 124 6.42 -17.59 12.32
CA LEU B 124 5.69 -16.39 12.50
C LEU B 124 6.44 -15.52 11.60
N CYS B 125 6.04 -14.28 11.60
CA CYS B 125 6.69 -13.27 10.82
C CYS B 125 6.39 -12.16 11.76
N VAL B 126 7.40 -11.42 12.19
CA VAL B 126 7.17 -10.28 13.09
C VAL B 126 7.59 -9.03 12.32
N ALA B 127 6.80 -7.98 12.37
CA ALA B 127 7.16 -6.83 11.59
C ALA B 127 7.03 -5.51 12.33
N ALA B 128 7.60 -4.46 11.75
CA ALA B 128 7.56 -3.12 12.31
C ALA B 128 6.67 -2.50 11.35
N VAL B 129 5.60 -1.87 11.79
CA VAL B 129 4.68 -1.25 10.85
C VAL B 129 4.47 0.24 11.16
N PRO B 130 4.50 1.06 10.08
CA PRO B 130 4.35 2.50 10.04
C PRO B 130 2.89 2.85 10.07
N GLU B 131 2.48 3.47 11.18
CA GLU B 131 1.11 3.88 11.44
C GLU B 131 0.16 2.70 11.34
N TYR B 132 0.55 1.56 11.87
CA TYR B 132 -0.33 0.44 11.76
C TYR B 132 -1.64 0.83 12.38
N GLU B 133 -2.71 0.26 11.89
CA GLU B 133 -3.98 0.55 12.48
C GLU B 133 -4.96 -0.48 12.00
N HIS B 134 -5.96 -0.68 12.85
CA HIS B 134 -7.12 -1.59 12.74
C HIS B 134 -7.57 -1.50 14.20
N THR B 135 -6.71 -2.08 15.05
CA THR B 135 -6.78 -2.17 16.51
C THR B 135 -8.08 -2.02 17.25
N HIS B 136 -9.20 -1.86 16.51
CA HIS B 136 -10.53 -1.67 17.07
C HIS B 136 -10.35 -0.60 18.20
N GLU B 137 -9.71 0.52 17.82
CA GLU B 137 -9.36 1.65 18.71
C GLU B 137 -8.84 1.41 20.12
N LYS B 138 -8.38 0.18 20.36
CA LYS B 138 -7.75 -0.22 21.62
C LYS B 138 -6.34 0.28 21.27
N ALA B 139 -6.29 1.56 20.94
CA ALA B 139 -5.07 2.17 20.52
C ALA B 139 -4.05 2.28 21.60
N LEU B 140 -2.85 2.01 21.16
CA LEU B 140 -1.68 2.09 21.97
C LEU B 140 -1.68 1.09 23.14
N LYS B 141 -2.59 0.12 23.09
CA LYS B 141 -2.66 -0.93 24.10
C LYS B 141 -2.22 -2.14 23.29
N TRP B 142 -1.24 -2.90 23.75
CA TRP B 142 -0.88 -4.10 22.99
C TRP B 142 -2.14 -4.95 23.12
N SER B 143 -2.32 -5.93 22.23
CA SER B 143 -3.49 -6.85 22.25
C SER B 143 -3.26 -8.02 21.32
N GLU B 144 -4.34 -8.66 20.85
CA GLU B 144 -4.28 -9.81 19.92
C GLU B 144 -5.39 -9.70 18.89
N LEU B 145 -5.10 -10.10 17.64
CA LEU B 145 -6.10 -10.02 16.56
C LEU B 145 -5.96 -11.15 15.52
N GLU B 146 -6.79 -11.06 14.48
CA GLU B 146 -6.74 -11.99 13.36
C GLU B 146 -6.81 -11.00 12.18
N GLU B 147 -5.73 -10.93 11.43
CA GLU B 147 -5.66 -10.04 10.29
C GLU B 147 -6.61 -10.57 9.22
N PRO B 148 -6.97 -9.72 8.24
CA PRO B 148 -7.89 -10.04 7.13
C PRO B 148 -7.43 -11.04 6.08
N ALA B 149 -6.12 -11.30 6.06
CA ALA B 149 -5.47 -12.24 5.14
C ALA B 149 -4.69 -11.58 4.03
N TYR B 150 -5.36 -10.77 3.21
CA TYR B 150 -4.63 -10.09 2.16
C TYR B 150 -3.43 -9.48 2.91
N THR B 151 -3.65 -9.14 4.18
CA THR B 151 -2.59 -8.58 5.00
C THR B 151 -1.49 -9.54 5.42
N TYR B 152 -1.82 -10.65 6.07
CA TYR B 152 -0.74 -11.54 6.45
C TYR B 152 0.01 -11.99 5.19
N GLN B 153 -0.73 -12.14 4.10
CA GLN B 153 -0.15 -12.53 2.84
C GLN B 153 0.88 -11.50 2.44
N GLN B 154 0.49 -10.23 2.51
CA GLN B 154 1.37 -9.11 2.19
C GLN B 154 2.02 -8.41 3.40
N LEU B 155 2.04 -9.02 4.58
CA LEU B 155 2.65 -8.41 5.74
C LEU B 155 4.08 -8.12 5.41
N SER B 156 4.71 -9.13 4.81
CA SER B 156 6.09 -9.11 4.35
C SER B 156 6.47 -7.91 3.50
N VAL B 157 5.49 -7.11 3.09
CA VAL B 157 5.77 -5.93 2.28
C VAL B 157 6.32 -4.82 3.17
N PHE B 158 6.41 -5.11 4.47
CA PHE B 158 6.99 -4.16 5.41
C PHE B 158 8.28 -4.74 5.89
N PRO B 159 9.05 -3.95 6.63
CA PRO B 159 10.31 -4.37 7.20
C PRO B 159 9.93 -5.43 8.24
N HIS B 160 10.20 -6.70 7.91
CA HIS B 160 9.85 -7.88 8.71
C HIS B 160 10.99 -8.87 8.57
N GLN B 161 10.93 -9.89 9.42
CA GLN B 161 11.93 -10.97 9.46
C GLN B 161 11.20 -12.30 9.76
N LEU B 162 11.76 -13.40 9.28
CA LEU B 162 11.10 -14.67 9.50
C LEU B 162 11.62 -15.48 10.65
N LEU B 163 10.68 -15.96 11.45
CA LEU B 163 11.00 -16.79 12.55
C LEU B 163 10.47 -18.12 12.11
N ASN B 164 11.36 -19.02 11.70
CA ASN B 164 11.04 -20.38 11.22
C ASN B 164 11.50 -21.45 12.24
N LEU B 165 10.61 -22.05 13.04
CA LEU B 165 11.00 -23.06 14.07
C LEU B 165 12.03 -24.23 13.78
N ARG B 166 12.44 -24.40 12.51
CA ARG B 166 13.44 -25.43 12.12
C ARG B 166 14.73 -24.70 11.70
N THR B 167 14.78 -23.39 11.92
CA THR B 167 15.92 -22.60 11.48
C THR B 167 16.51 -21.65 12.47
N ASN B 168 15.69 -20.81 13.05
CA ASN B 168 16.19 -19.80 13.96
C ASN B 168 15.23 -19.66 15.10
N SER B 169 15.57 -18.80 16.05
CA SER B 169 14.67 -18.60 17.18
C SER B 169 14.62 -17.11 17.53
N SER B 170 15.13 -16.27 16.63
CA SER B 170 15.14 -14.82 16.89
C SER B 170 14.90 -13.91 15.68
N VAL B 171 14.04 -12.90 15.86
CA VAL B 171 13.84 -11.89 14.82
C VAL B 171 14.43 -10.62 15.42
N HIS B 172 15.29 -9.89 14.68
CA HIS B 172 15.90 -8.68 15.19
C HIS B 172 15.74 -7.54 14.23
N LEU B 173 15.17 -6.41 14.70
CA LEU B 173 14.94 -5.20 13.89
C LEU B 173 15.33 -3.94 14.63
N VAL B 174 15.53 -2.88 13.88
CA VAL B 174 15.91 -1.57 14.40
C VAL B 174 15.18 -0.59 13.53
N MET B 175 14.35 0.24 14.13
CA MET B 175 13.57 1.22 13.41
C MET B 175 14.05 2.58 13.79
N PRO B 176 13.87 3.57 12.90
CA PRO B 176 14.26 4.98 13.05
C PRO B 176 13.05 5.89 13.38
N TYR B 177 13.26 7.14 13.78
CA TYR B 177 12.08 7.95 14.06
C TYR B 177 11.39 8.07 12.72
N ILE B 178 10.05 8.14 12.69
CA ILE B 178 9.28 8.27 11.45
C ILE B 178 7.85 8.81 11.75
N GLY B 179 7.23 9.44 10.78
CA GLY B 179 5.89 10.03 10.99
C GLY B 179 5.64 11.35 10.27
N PRO B 180 4.39 11.82 10.19
CA PRO B 180 4.20 13.09 9.49
C PRO B 180 4.95 14.23 10.13
N GLY B 181 5.02 14.21 11.44
CA GLY B 181 5.73 15.30 12.06
C GLY B 181 7.18 14.97 12.23
N PRO B 182 8.08 15.96 12.32
CA PRO B 182 9.49 15.65 12.49
C PRO B 182 9.75 15.17 13.90
N THR B 183 8.72 14.72 14.61
CA THR B 183 8.77 14.21 16.00
C THR B 183 7.35 14.25 16.51
N THR B 184 6.93 13.38 17.44
CA THR B 184 5.51 13.48 17.86
C THR B 184 5.30 13.35 19.36
N ASN B 185 4.02 13.21 19.77
CA ASN B 185 3.66 13.00 21.17
C ASN B 185 3.33 11.53 21.32
N LEU B 186 4.20 10.79 22.01
CA LEU B 186 4.07 9.35 22.19
C LEU B 186 2.82 8.90 22.95
N THR B 187 2.15 9.91 23.52
CA THR B 187 0.92 9.81 24.31
C THR B 187 -0.33 9.82 23.40
N LEU B 188 -0.13 10.30 22.17
CA LEU B 188 -1.17 10.39 21.14
C LEU B 188 -0.84 9.59 19.91
N HIS B 189 0.42 9.30 19.72
CA HIS B 189 0.74 8.65 18.52
C HIS B 189 1.89 7.77 18.78
N ASN B 190 1.84 6.61 18.15
CA ASN B 190 2.87 5.61 18.26
C ASN B 190 3.12 5.35 16.80
N PRO B 191 4.33 5.68 16.30
CA PRO B 191 4.51 5.42 14.87
C PRO B 191 4.81 3.94 14.58
N TRP B 192 5.72 3.43 15.37
CA TRP B 192 6.16 2.08 15.24
C TRP B 192 5.30 1.14 15.97
N THR B 193 5.06 0.02 15.33
CA THR B 193 4.25 -0.98 15.95
C THR B 193 4.62 -2.33 15.35
N ILE B 194 4.98 -3.22 16.25
CA ILE B 194 5.38 -4.55 15.93
C ILE B 194 4.22 -5.48 15.80
N VAL B 195 4.25 -6.22 14.73
CA VAL B 195 3.26 -7.21 14.51
C VAL B 195 4.07 -8.46 14.76
N ILE B 196 3.41 -9.46 15.29
CA ILE B 196 4.05 -10.72 15.51
C ILE B 196 2.98 -11.61 14.95
N LEU B 197 3.13 -11.95 13.68
CA LEU B 197 2.17 -12.77 12.97
C LEU B 197 2.48 -14.25 12.90
N ILE B 198 1.39 -15.03 13.03
CA ILE B 198 1.37 -16.52 13.01
C ILE B 198 1.14 -16.98 11.59
N LEU B 199 2.16 -17.59 11.03
CA LEU B 199 2.10 -18.05 9.68
C LEU B 199 1.70 -19.48 9.69
N SER B 200 2.59 -20.38 10.07
CA SER B 200 2.28 -21.79 10.10
C SER B 200 2.02 -22.13 11.56
N GLU B 201 0.87 -22.74 11.85
CA GLU B 201 0.52 -23.05 13.24
C GLU B 201 1.58 -23.82 13.93
N LEU B 202 1.54 -23.67 15.24
CA LEU B 202 2.44 -24.35 16.13
C LEU B 202 2.09 -25.87 16.12
N THR B 203 2.92 -26.65 15.43
CA THR B 203 2.68 -28.07 15.36
C THR B 203 3.85 -28.80 16.08
N GLY B 204 3.53 -29.69 17.00
CA GLY B 204 4.58 -30.43 17.73
C GLY B 204 4.25 -30.88 19.15
N PRO B 205 5.17 -30.75 20.11
CA PRO B 205 4.85 -31.16 21.48
C PRO B 205 3.70 -30.34 22.12
N GLY B 206 2.86 -31.01 22.90
CA GLY B 206 1.72 -30.36 23.53
C GLY B 206 1.80 -28.95 24.13
N GLN B 207 2.95 -28.56 24.64
CA GLN B 207 3.11 -27.25 25.26
C GLN B 207 3.08 -26.12 24.26
N THR B 208 3.06 -24.88 24.81
CA THR B 208 3.04 -23.58 24.10
C THR B 208 4.48 -23.05 23.89
N VAL B 209 4.62 -22.05 23.03
CA VAL B 209 5.93 -21.51 22.76
C VAL B 209 5.91 -20.03 23.12
N PRO B 210 6.51 -19.64 24.25
CA PRO B 210 6.53 -18.26 24.71
C PRO B 210 7.32 -17.28 23.88
N VAL B 211 6.62 -16.23 23.45
CA VAL B 211 7.22 -15.17 22.70
C VAL B 211 7.72 -14.09 23.68
N THR B 212 8.65 -13.25 23.24
CA THR B 212 9.24 -12.33 24.15
C THR B 212 9.83 -11.17 23.41
N MET B 213 10.06 -10.06 24.07
CA MET B 213 10.57 -8.97 23.30
C MET B 213 11.32 -7.94 24.11
N SER B 214 12.47 -7.52 23.60
CA SER B 214 13.30 -6.51 24.25
C SER B 214 13.33 -5.23 23.45
N VAL B 215 12.68 -4.19 23.97
CA VAL B 215 12.67 -2.92 23.29
C VAL B 215 13.65 -2.13 24.05
N ALA B 216 14.35 -1.26 23.36
CA ALA B 216 15.29 -0.38 23.97
C ALA B 216 15.32 0.77 23.00
N PRO B 217 15.05 1.98 23.50
CA PRO B 217 15.02 3.19 22.69
C PRO B 217 16.38 3.63 22.17
N ILE B 218 16.35 4.02 20.92
CA ILE B 218 17.56 4.47 20.27
C ILE B 218 17.40 5.96 20.01
N ASP B 219 18.48 6.72 20.15
CA ASP B 219 18.44 8.17 19.86
C ASP B 219 17.22 8.96 20.27
N ALA B 220 17.04 8.99 21.59
CA ALA B 220 15.93 9.65 22.24
C ALA B 220 16.19 11.14 22.40
N MET B 221 15.13 11.94 22.28
CA MET B 221 15.21 13.40 22.35
C MET B 221 13.89 14.05 22.71
N VAL B 222 13.91 14.76 23.84
CA VAL B 222 12.75 15.43 24.39
C VAL B 222 12.58 16.96 24.27
N ASN B 223 11.34 17.39 24.45
CA ASN B 223 11.00 18.80 24.37
C ASN B 223 10.12 19.14 25.52
N GLY B 224 9.92 20.45 25.69
CA GLY B 224 9.05 21.00 26.71
C GLY B 224 8.67 20.26 27.98
N PRO B 225 9.36 20.59 29.06
CA PRO B 225 9.03 19.92 30.29
C PRO B 225 7.69 20.46 30.69
N LEU B 226 6.90 19.54 31.19
CA LEU B 226 5.60 19.86 31.67
C LEU B 226 5.93 20.16 33.15
N PRO B 227 4.99 20.76 33.86
CA PRO B 227 4.99 21.18 35.26
C PRO B 227 5.05 20.09 36.30
N ASN B 228 4.59 20.42 37.50
CA ASN B 228 4.56 19.46 38.60
C ASN B 228 3.16 18.94 38.85
N PRO B 229 3.02 17.61 38.93
CA PRO B 229 1.82 16.77 39.14
C PRO B 229 0.80 17.17 40.19
N GLU B 230 1.02 18.25 40.91
CA GLU B 230 0.06 18.62 41.96
C GLU B 230 -1.39 18.93 41.52
N ALA C 1 -2.39 42.42 -37.30
CA ALA C 1 -1.64 41.91 -36.15
C ALA C 1 -2.27 40.73 -35.35
N PRO C 2 -3.56 40.43 -35.53
CA PRO C 2 -3.96 39.30 -34.69
C PRO C 2 -3.47 38.08 -35.39
N ILE C 3 -3.13 37.06 -34.63
CA ILE C 3 -2.62 35.85 -35.22
C ILE C 3 -3.74 35.19 -35.98
N ARG C 4 -3.43 34.44 -37.04
CA ARG C 4 -4.51 33.78 -37.79
C ARG C 4 -4.68 32.35 -37.32
N VAL C 5 -5.83 32.06 -36.71
CA VAL C 5 -6.03 30.75 -36.16
C VAL C 5 -7.26 29.95 -36.56
N VAL C 6 -7.06 28.64 -36.72
CA VAL C 6 -8.13 27.69 -37.05
C VAL C 6 -8.39 26.76 -35.84
N SER C 7 -9.65 26.69 -35.40
CA SER C 7 -10.05 25.89 -34.22
C SER C 7 -10.24 24.40 -34.40
N VAL C 8 -9.16 23.67 -34.26
CA VAL C 8 -9.18 22.23 -34.43
C VAL C 8 -10.42 21.57 -33.89
N PRO C 9 -11.20 20.90 -34.74
CA PRO C 9 -12.46 20.15 -34.59
C PRO C 9 -12.85 19.61 -33.21
N GLU C 10 -11.88 19.18 -32.42
CA GLU C 10 -12.23 18.70 -31.10
C GLU C 10 -12.34 19.82 -30.05
N SER C 11 -11.71 20.95 -30.38
CA SER C 11 -11.59 22.19 -29.59
C SER C 11 -12.09 22.28 -28.17
N ASP C 12 -13.37 22.02 -27.95
CA ASP C 12 -13.92 22.14 -26.61
C ASP C 12 -14.20 20.78 -25.98
N SER C 13 -13.37 19.80 -26.28
CA SER C 13 -13.57 18.48 -25.70
C SER C 13 -12.65 18.36 -24.49
N PHE C 14 -13.00 17.47 -23.56
CA PHE C 14 -12.20 17.25 -22.35
C PHE C 14 -10.97 16.34 -22.31
N MET C 15 -11.14 15.04 -22.55
CA MET C 15 -9.98 14.12 -22.47
C MET C 15 -9.10 14.10 -21.14
N SER C 16 -9.36 13.07 -20.34
CA SER C 16 -8.78 12.81 -19.03
C SER C 16 -7.36 12.37 -18.84
N SER C 17 -6.58 12.38 -19.90
CA SER C 17 -5.19 11.94 -19.76
C SER C 17 -4.25 12.90 -20.46
N VAL C 18 -4.69 14.14 -20.69
CA VAL C 18 -3.88 15.14 -21.39
C VAL C 18 -2.45 15.16 -20.83
N PRO C 19 -1.45 15.11 -21.71
CA PRO C 19 -0.04 15.10 -21.33
C PRO C 19 0.38 16.47 -20.81
N ASP C 20 -0.60 17.35 -20.65
CA ASP C 20 -0.29 18.69 -20.21
C ASP C 20 -1.10 19.15 -18.99
N ASN C 21 -0.57 20.15 -18.31
CA ASN C 21 -1.22 20.63 -17.12
C ASN C 21 -2.08 21.89 -17.21
N SER C 22 -2.97 22.02 -16.21
CA SER C 22 -3.92 23.13 -16.00
C SER C 22 -3.29 24.41 -15.42
N THR C 23 -4.06 25.50 -15.54
CA THR C 23 -3.58 26.78 -15.11
C THR C 23 -3.58 27.01 -13.58
N PRO C 24 -2.45 27.46 -13.03
CA PRO C 24 -2.24 27.72 -11.60
C PRO C 24 -3.02 28.90 -11.08
N LEU C 25 -3.52 28.80 -9.85
CA LEU C 25 -4.28 29.92 -9.27
C LEU C 25 -3.85 30.22 -7.83
N TYR C 26 -2.73 29.62 -7.44
CA TYR C 26 -2.20 29.86 -6.12
C TYR C 26 -0.76 29.53 -6.27
N PRO C 27 0.04 30.54 -6.67
CA PRO C 27 1.48 30.44 -6.88
C PRO C 27 2.22 30.60 -5.58
N LYS C 28 3.52 30.77 -5.70
CA LYS C 28 4.42 31.05 -4.59
C LYS C 28 4.25 30.31 -3.26
N VAL C 29 3.90 29.01 -3.38
CA VAL C 29 3.74 28.15 -2.21
C VAL C 29 5.04 27.40 -2.08
N VAL C 30 5.84 27.64 -1.03
CA VAL C 30 7.06 26.83 -0.85
C VAL C 30 6.68 25.85 0.23
N VAL C 31 7.01 24.60 -0.02
CA VAL C 31 6.64 23.56 0.85
C VAL C 31 7.73 23.17 1.83
N PRO C 32 7.31 22.64 3.00
CA PRO C 32 8.26 22.19 4.01
C PRO C 32 8.89 20.88 3.50
N PRO C 33 10.16 20.71 3.79
CA PRO C 33 10.95 19.55 3.40
C PRO C 33 10.67 18.25 4.19
N ARG C 34 10.83 17.12 3.51
CA ARG C 34 10.57 15.85 4.14
C ARG C 34 11.70 14.83 4.17
N GLN C 35 12.22 14.52 5.36
CA GLN C 35 13.25 13.46 5.53
C GLN C 35 12.57 12.13 5.33
N VAL C 36 11.53 11.86 6.13
CA VAL C 36 10.69 10.65 6.01
C VAL C 36 11.24 9.59 5.04
N PRO C 37 11.72 8.47 5.60
CA PRO C 37 12.29 7.32 4.90
C PRO C 37 11.40 6.56 3.90
N GLY C 38 12.03 5.64 3.17
CA GLY C 38 11.33 4.76 2.23
C GLY C 38 10.36 5.29 1.18
N ARG C 39 10.76 6.36 0.52
CA ARG C 39 9.97 6.92 -0.54
C ARG C 39 10.27 6.00 -1.70
N PHE C 40 9.26 5.33 -2.25
CA PHE C 40 9.51 4.49 -3.44
C PHE C 40 9.23 5.32 -4.65
N THR C 41 9.88 4.92 -5.73
CA THR C 41 9.78 5.65 -6.95
C THR C 41 8.86 4.97 -7.93
N ASN C 42 9.12 3.66 -8.13
CA ASN C 42 8.39 2.78 -9.09
C ASN C 42 7.85 1.49 -8.43
N PHE C 43 6.62 1.14 -8.73
CA PHE C 43 6.00 -0.02 -8.16
C PHE C 43 6.63 -1.37 -8.42
N ILE C 44 7.45 -1.47 -9.47
CA ILE C 44 8.06 -2.75 -9.78
C ILE C 44 9.17 -3.08 -8.82
N ASP C 45 9.70 -2.06 -8.14
CA ASP C 45 10.79 -2.27 -7.22
C ASP C 45 10.37 -3.03 -6.00
N VAL C 46 9.27 -2.63 -5.36
CA VAL C 46 8.78 -3.33 -4.19
C VAL C 46 8.30 -4.69 -4.56
N ALA C 47 7.83 -4.81 -5.78
CA ALA C 47 7.34 -6.08 -6.26
C ALA C 47 8.49 -7.01 -6.52
N LYS C 48 9.64 -6.47 -6.91
CA LYS C 48 10.78 -7.34 -7.14
C LYS C 48 11.45 -7.61 -5.83
N GLN C 49 11.84 -6.57 -5.10
CA GLN C 49 12.52 -6.75 -3.80
C GLN C 49 11.58 -7.05 -2.68
N THR C 50 10.57 -7.88 -2.94
CA THR C 50 9.59 -8.24 -1.91
C THR C 50 8.72 -9.49 -2.10
N TYR C 51 8.83 -10.39 -1.13
CA TYR C 51 8.04 -11.60 -1.19
C TYR C 51 6.66 -11.57 -0.62
N SER C 52 5.72 -12.01 -1.43
CA SER C 52 4.36 -12.06 -1.02
C SER C 52 4.14 -13.54 -0.66
N PHE C 53 3.09 -13.85 0.10
CA PHE C 53 2.72 -15.23 0.50
C PHE C 53 1.50 -15.78 -0.23
N CYS C 54 1.67 -16.86 -1.00
CA CYS C 54 0.61 -17.49 -1.81
C CYS C 54 -0.72 -17.86 -1.19
N SER C 55 -1.64 -18.35 -2.01
CA SER C 55 -2.94 -18.76 -1.49
C SER C 55 -3.47 -20.11 -1.96
N ILE C 56 -3.56 -21.04 -1.00
CA ILE C 56 -4.03 -22.42 -1.21
C ILE C 56 -5.09 -22.73 -0.17
N SER C 57 -6.28 -23.11 -0.63
CA SER C 57 -7.43 -23.39 0.25
C SER C 57 -7.64 -22.44 1.46
N GLY C 58 -7.04 -21.22 1.38
CA GLY C 58 -7.18 -20.18 2.41
C GLY C 58 -5.93 -19.82 3.23
N LYS C 59 -5.02 -20.79 3.29
CA LYS C 59 -3.73 -20.73 4.02
C LYS C 59 -2.53 -20.43 3.05
N PRO C 60 -1.39 -19.92 3.56
CA PRO C 60 -0.26 -19.62 2.66
C PRO C 60 0.84 -20.72 2.63
N TYR C 61 0.44 -21.98 2.83
CA TYR C 61 1.36 -23.12 2.88
C TYR C 61 0.76 -24.42 2.38
N PHE C 62 1.60 -25.37 2.01
CA PHE C 62 1.03 -26.64 1.65
C PHE C 62 1.63 -27.68 2.58
N GLU C 63 0.89 -28.78 2.73
CA GLU C 63 1.23 -29.84 3.66
C GLU C 63 1.81 -31.08 3.03
N VAL C 64 2.70 -31.77 3.77
CA VAL C 64 3.29 -33.07 3.37
C VAL C 64 2.86 -33.95 4.53
N THR C 65 2.46 -35.16 4.29
CA THR C 65 2.12 -35.99 5.44
C THR C 65 3.02 -37.24 5.43
N ASN C 66 2.87 -38.13 6.39
CA ASN C 66 3.67 -39.33 6.31
C ASN C 66 3.00 -40.29 5.30
N THR C 67 2.34 -39.74 4.28
CA THR C 67 1.66 -40.53 3.24
C THR C 67 1.34 -39.71 1.96
N SER C 68 2.12 -39.82 0.90
CA SER C 68 1.77 -39.00 -0.26
C SER C 68 1.99 -39.48 -1.69
N GLY C 69 3.21 -39.93 -2.01
CA GLY C 69 3.47 -40.42 -3.36
C GLY C 69 3.35 -39.36 -4.46
N ASP C 70 2.92 -39.82 -5.62
CA ASP C 70 2.84 -38.96 -6.81
C ASP C 70 1.68 -37.97 -6.92
N GLU C 71 0.73 -38.02 -6.00
CA GLU C 71 -0.40 -37.08 -6.05
C GLU C 71 0.24 -35.71 -6.01
N PRO C 72 0.05 -34.90 -7.06
CA PRO C 72 0.63 -33.54 -7.08
C PRO C 72 0.20 -32.74 -5.81
N LEU C 73 1.14 -32.06 -5.12
CA LEU C 73 0.78 -31.34 -3.90
C LEU C 73 0.41 -29.91 -4.05
N PHE C 74 1.05 -29.27 -4.99
CA PHE C 74 0.80 -27.89 -5.23
C PHE C 74 0.68 -27.78 -6.70
N GLN C 75 -0.38 -27.13 -7.20
CA GLN C 75 -0.60 -26.94 -8.65
C GLN C 75 -1.24 -25.57 -8.94
N MET C 76 -0.82 -24.86 -10.00
CA MET C 76 -1.42 -23.52 -10.33
C MET C 76 -1.37 -23.13 -11.79
N ASP C 77 -2.45 -22.62 -12.35
CA ASP C 77 -2.39 -22.24 -13.75
C ASP C 77 -1.50 -21.01 -13.80
N VAL C 78 -0.38 -21.05 -14.52
CA VAL C 78 0.49 -19.87 -14.60
C VAL C 78 -0.23 -18.81 -15.40
N SER C 79 -0.82 -17.90 -14.64
CA SER C 79 -1.59 -16.74 -15.12
C SER C 79 -1.65 -15.79 -13.95
N LEU C 80 -1.70 -14.49 -14.17
CA LEU C 80 -1.74 -13.73 -12.99
C LEU C 80 -3.06 -13.92 -12.29
N SER C 81 -4.11 -14.09 -13.08
CA SER C 81 -5.42 -14.27 -12.50
C SER C 81 -5.61 -15.72 -12.12
N ALA C 82 -4.59 -16.26 -11.47
CA ALA C 82 -4.66 -17.63 -11.04
C ALA C 82 -5.06 -17.55 -9.57
N ALA C 83 -5.50 -18.70 -9.10
CA ALA C 83 -5.96 -18.84 -7.75
C ALA C 83 -4.91 -18.50 -6.66
N GLU C 84 -3.91 -19.37 -6.55
CA GLU C 84 -2.85 -19.30 -5.56
C GLU C 84 -2.08 -18.01 -5.53
N LEU C 85 -2.53 -17.07 -6.34
CA LEU C 85 -1.92 -15.76 -6.43
C LEU C 85 -2.84 -14.78 -5.84
N HIS C 86 -4.14 -15.02 -6.03
CA HIS C 86 -5.15 -14.13 -5.49
C HIS C 86 -4.74 -13.33 -4.23
N GLY C 87 -4.33 -13.98 -3.15
CA GLY C 87 -3.96 -13.17 -2.03
C GLY C 87 -2.81 -12.15 -2.19
N THR C 88 -1.71 -12.56 -2.83
CA THR C 88 -0.45 -11.79 -3.03
C THR C 88 -0.29 -10.33 -3.52
N TYR C 89 0.92 -9.81 -3.40
CA TYR C 89 1.21 -8.44 -3.81
C TYR C 89 1.24 -8.35 -5.30
N VAL C 90 2.26 -8.99 -5.89
CA VAL C 90 2.49 -9.02 -7.34
C VAL C 90 1.18 -9.12 -8.15
N ALA C 91 0.40 -10.16 -7.87
CA ALA C 91 -0.87 -10.40 -8.53
C ALA C 91 -1.77 -9.17 -8.49
N SER C 92 -1.96 -8.61 -7.29
CA SER C 92 -2.82 -7.46 -7.05
C SER C 92 -2.32 -6.17 -7.61
N LEU C 93 -1.02 -6.08 -7.78
CA LEU C 93 -0.40 -4.92 -8.33
C LEU C 93 -0.76 -4.96 -9.79
N SER C 94 -0.56 -6.12 -10.41
CA SER C 94 -0.88 -6.30 -11.82
C SER C 94 -2.33 -6.00 -12.22
N SER C 95 -3.25 -6.04 -11.29
CA SER C 95 -4.62 -5.75 -11.63
C SER C 95 -4.63 -4.32 -12.16
N PHE C 96 -3.67 -3.53 -11.69
CA PHE C 96 -3.63 -2.18 -12.15
C PHE C 96 -3.23 -2.09 -13.58
N PHE C 97 -3.00 -3.21 -14.29
CA PHE C 97 -2.56 -3.19 -15.72
C PHE C 97 -3.15 -4.22 -16.69
N ALA C 98 -2.65 -4.18 -17.90
CA ALA C 98 -3.14 -5.09 -18.92
C ALA C 98 -2.18 -6.23 -19.27
N GLN C 99 -0.87 -5.91 -19.33
CA GLN C 99 0.14 -6.89 -19.71
C GLN C 99 1.29 -6.98 -18.76
N TYR C 100 1.65 -8.22 -18.45
CA TYR C 100 2.76 -8.60 -17.57
C TYR C 100 3.85 -9.20 -18.42
N ARG C 101 5.02 -9.41 -17.85
CA ARG C 101 6.10 -9.98 -18.62
C ARG C 101 7.34 -10.45 -17.83
N GLY C 102 7.70 -11.73 -17.94
CA GLY C 102 8.84 -12.26 -17.21
C GLY C 102 8.63 -13.43 -16.24
N SER C 103 9.75 -13.78 -15.64
CA SER C 103 9.78 -14.87 -14.71
C SER C 103 9.40 -14.38 -13.34
N LEU C 104 8.98 -15.30 -12.46
CA LEU C 104 8.56 -15.06 -11.04
C LEU C 104 9.31 -16.01 -10.15
N ASN C 105 9.74 -15.55 -9.00
CA ASN C 105 10.49 -16.44 -8.15
C ASN C 105 9.66 -16.96 -7.01
N PHE C 106 9.71 -18.28 -6.81
CA PHE C 106 8.99 -18.91 -5.73
C PHE C 106 9.89 -19.31 -4.58
N TYR C 107 9.45 -18.99 -3.38
CA TYR C 107 10.20 -19.32 -2.21
C TYR C 107 9.42 -20.26 -1.35
N PHE C 108 9.92 -21.49 -1.22
CA PHE C 108 9.25 -22.45 -0.36
C PHE C 108 10.08 -22.57 0.89
N ILE C 109 9.41 -22.42 2.00
CA ILE C 109 10.11 -22.50 3.22
C ILE C 109 9.50 -23.63 3.95
N PHE C 110 10.28 -24.68 4.11
CA PHE C 110 9.79 -25.81 4.83
C PHE C 110 9.85 -25.42 6.29
N THR C 111 8.74 -25.61 6.98
CA THR C 111 8.69 -25.24 8.36
C THR C 111 8.39 -26.37 9.31
N GLY C 112 8.51 -27.62 8.87
CA GLY C 112 8.31 -28.74 9.79
C GLY C 112 9.47 -28.75 10.80
N ALA C 113 9.27 -29.27 12.01
CA ALA C 113 10.32 -29.28 13.04
C ALA C 113 11.60 -29.94 12.63
N ALA C 114 12.72 -29.56 13.24
CA ALA C 114 14.04 -30.13 12.89
C ALA C 114 14.18 -31.67 13.00
N ALA C 115 13.33 -32.30 13.82
CA ALA C 115 13.33 -33.76 13.98
C ALA C 115 12.88 -34.42 12.67
N THR C 116 12.28 -33.58 11.83
CA THR C 116 11.69 -33.89 10.54
C THR C 116 12.51 -33.63 9.24
N LYS C 117 12.16 -34.35 8.17
CA LYS C 117 12.82 -34.24 6.85
C LYS C 117 11.89 -34.74 5.76
N ALA C 118 12.08 -34.26 4.53
CA ALA C 118 11.28 -34.71 3.38
C ALA C 118 11.87 -34.12 2.12
N LYS C 119 11.38 -34.54 0.95
CA LYS C 119 11.86 -34.03 -0.35
C LYS C 119 10.74 -33.78 -1.40
N PHE C 120 10.95 -32.82 -2.30
CA PHE C 120 9.94 -32.56 -3.33
C PHE C 120 10.50 -32.29 -4.69
N LEU C 121 9.67 -32.51 -5.68
CA LEU C 121 10.06 -32.24 -7.00
C LEU C 121 9.19 -31.07 -7.31
N VAL C 122 9.82 -29.92 -7.51
CA VAL C 122 9.09 -28.72 -7.90
C VAL C 122 9.36 -28.82 -9.41
N ALA C 123 8.33 -28.67 -10.20
CA ALA C 123 8.47 -28.75 -11.64
C ALA C 123 7.56 -27.70 -12.29
N PHE C 124 7.89 -27.33 -13.52
CA PHE C 124 7.12 -26.38 -14.30
C PHE C 124 6.70 -27.14 -15.56
N VAL C 125 5.39 -27.20 -15.82
CA VAL C 125 4.86 -27.92 -16.98
C VAL C 125 4.25 -27.01 -18.02
N PRO C 126 4.89 -26.89 -19.21
CA PRO C 126 4.48 -26.06 -20.37
C PRO C 126 3.06 -26.30 -20.90
N PRO C 127 2.30 -25.20 -21.03
CA PRO C 127 0.91 -25.10 -21.47
C PRO C 127 0.43 -25.76 -22.78
N HIS C 128 0.60 -27.08 -22.90
CA HIS C 128 0.12 -27.77 -24.09
C HIS C 128 -0.95 -28.77 -23.65
N SER C 129 -0.48 -30.00 -23.52
CA SER C 129 -1.27 -31.18 -23.22
C SER C 129 -2.64 -31.02 -22.45
N ALA C 130 -2.74 -31.63 -21.29
CA ALA C 130 -3.96 -31.55 -20.49
C ALA C 130 -3.63 -31.69 -18.97
N ALA C 131 -2.40 -31.31 -18.63
CA ALA C 131 -1.88 -31.32 -17.26
C ALA C 131 -1.59 -32.69 -16.72
N PRO C 132 -0.35 -32.94 -16.24
CA PRO C 132 0.14 -34.21 -15.68
C PRO C 132 -0.59 -34.55 -14.37
N LYS C 133 -0.52 -35.80 -13.93
CA LYS C 133 -1.17 -36.10 -12.69
C LYS C 133 -0.37 -36.93 -11.71
N THR C 134 0.86 -37.26 -12.10
CA THR C 134 1.81 -37.99 -11.24
C THR C 134 3.27 -37.52 -11.42
N ARG C 135 4.06 -37.66 -10.37
CA ARG C 135 5.45 -37.22 -10.41
C ARG C 135 6.15 -37.77 -11.66
N ASP C 136 6.06 -39.08 -11.82
CA ASP C 136 6.71 -39.77 -12.95
C ASP C 136 6.22 -39.24 -14.28
N GLU C 137 5.16 -38.44 -14.24
CA GLU C 137 4.66 -37.85 -15.44
C GLU C 137 5.37 -36.51 -15.61
N ALA C 138 5.41 -35.69 -14.56
CA ALA C 138 6.05 -34.38 -14.67
C ALA C 138 7.54 -34.43 -14.83
N MET C 139 8.19 -35.34 -14.12
CA MET C 139 9.64 -35.46 -14.14
C MET C 139 10.39 -35.23 -15.46
N ALA C 140 9.76 -35.58 -16.57
CA ALA C 140 10.38 -35.41 -17.87
C ALA C 140 10.60 -33.97 -18.22
N CYS C 141 9.99 -33.05 -17.43
CA CYS C 141 10.07 -31.56 -17.62
C CYS C 141 10.98 -30.79 -16.70
N ILE C 142 10.93 -29.46 -16.85
CA ILE C 142 11.83 -28.63 -16.09
C ILE C 142 11.52 -28.75 -14.61
N HIS C 143 12.46 -29.22 -13.79
CA HIS C 143 12.21 -29.33 -12.36
C HIS C 143 13.56 -29.50 -11.71
N ALA C 144 13.61 -29.39 -10.39
CA ALA C 144 14.84 -29.58 -9.57
C ALA C 144 14.43 -30.39 -8.38
N VAL C 145 15.36 -30.67 -7.51
CA VAL C 145 15.00 -31.48 -6.39
C VAL C 145 15.24 -30.79 -5.06
N TRP C 146 14.28 -30.85 -4.16
CA TRP C 146 14.49 -30.16 -2.92
C TRP C 146 14.54 -31.10 -1.75
N ASP C 147 15.72 -31.29 -1.17
CA ASP C 147 15.81 -32.16 -0.01
C ASP C 147 15.82 -31.26 1.21
N VAL C 148 14.68 -31.14 1.88
CA VAL C 148 14.61 -30.30 3.06
C VAL C 148 15.51 -30.97 4.05
N GLY C 149 16.64 -30.34 4.33
CA GLY C 149 17.61 -30.94 5.25
C GLY C 149 18.95 -30.84 4.58
N LEU C 150 19.05 -29.80 3.74
CA LEU C 150 20.19 -29.39 2.93
C LEU C 150 20.01 -27.83 2.96
N ASN C 151 18.76 -27.37 2.63
CA ASN C 151 18.27 -25.97 2.73
C ASN C 151 16.88 -26.26 3.21
N SER C 152 16.43 -25.40 4.12
CA SER C 152 15.11 -25.49 4.72
C SER C 152 14.18 -24.58 3.97
N ALA C 153 14.75 -23.94 2.95
CA ALA C 153 14.05 -23.03 2.07
C ALA C 153 14.70 -23.08 0.69
N PHE C 154 13.89 -22.89 -0.33
CA PHE C 154 14.42 -23.00 -1.64
C PHE C 154 13.69 -22.03 -2.55
N SER C 155 14.37 -21.59 -3.60
CA SER C 155 13.79 -20.66 -4.55
C SER C 155 13.62 -21.38 -5.91
N PHE C 156 12.56 -21.09 -6.65
CA PHE C 156 12.36 -21.72 -7.99
C PHE C 156 11.78 -20.66 -8.92
N ASN C 157 12.45 -20.46 -10.07
CA ASN C 157 12.05 -19.47 -11.06
C ASN C 157 11.11 -19.91 -12.19
N VAL C 158 9.84 -19.49 -12.13
CA VAL C 158 8.88 -19.83 -13.18
C VAL C 158 9.13 -18.89 -14.36
N PRO C 159 9.85 -19.36 -15.39
CA PRO C 159 10.21 -18.61 -16.59
C PRO C 159 9.13 -18.09 -17.49
N TYR C 160 9.58 -17.23 -18.38
CA TYR C 160 8.68 -16.62 -19.36
C TYR C 160 8.91 -17.34 -20.71
N SER C 161 7.90 -18.09 -21.17
CA SER C 161 8.04 -18.83 -22.41
C SER C 161 6.89 -18.49 -23.32
N SER C 162 7.07 -17.55 -24.25
CA SER C 162 5.96 -17.28 -25.16
C SER C 162 6.21 -16.43 -26.36
N PRO C 163 5.55 -16.77 -27.49
CA PRO C 163 5.67 -16.02 -28.74
C PRO C 163 5.18 -14.61 -28.41
N ALA C 164 4.45 -14.56 -27.31
CA ALA C 164 3.91 -13.35 -26.76
C ALA C 164 5.00 -12.39 -26.25
N ASP C 165 5.16 -11.23 -26.86
CA ASP C 165 6.18 -10.34 -26.33
C ASP C 165 5.72 -9.95 -24.99
N PHE C 166 4.42 -9.92 -24.76
CA PHE C 166 3.88 -9.61 -23.42
C PHE C 166 2.80 -10.58 -23.11
N MET C 167 2.41 -10.68 -21.84
CA MET C 167 1.34 -11.60 -21.44
C MET C 167 0.13 -10.94 -20.81
N ALA C 168 -0.92 -11.73 -20.60
CA ALA C 168 -2.21 -11.26 -20.06
C ALA C 168 -2.46 -11.20 -18.56
N VAL C 169 -2.53 -9.98 -18.06
CA VAL C 169 -2.74 -9.76 -16.66
C VAL C 169 -4.15 -10.08 -16.31
N TYR C 170 -4.98 -10.10 -17.31
CA TYR C 170 -6.37 -10.40 -17.11
C TYR C 170 -6.70 -11.61 -17.94
N SER C 171 -6.48 -12.79 -17.38
CA SER C 171 -6.74 -14.03 -18.12
C SER C 171 -8.23 -14.36 -18.32
N ALA C 172 -8.52 -15.48 -18.99
CA ALA C 172 -9.91 -15.90 -19.26
C ALA C 172 -9.98 -17.24 -20.03
N GLU C 173 -11.10 -17.51 -20.73
CA GLU C 173 -11.23 -18.76 -21.45
C GLU C 173 -9.97 -18.91 -22.24
N ALA C 174 -9.20 -19.95 -21.94
CA ALA C 174 -7.89 -20.22 -22.55
C ALA C 174 -7.53 -19.77 -24.00
N THR C 175 -6.68 -18.72 -24.08
CA THR C 175 -6.13 -18.06 -25.29
C THR C 175 -4.62 -18.40 -25.35
N VAL C 176 -3.91 -18.00 -26.41
CA VAL C 176 -2.45 -18.27 -26.59
C VAL C 176 -1.47 -17.33 -25.76
N VAL C 177 -2.04 -16.34 -25.10
CA VAL C 177 -1.23 -15.42 -24.34
C VAL C 177 -1.86 -15.25 -22.97
N ASN C 178 -2.77 -16.20 -22.68
CA ASN C 178 -3.61 -16.30 -21.46
C ASN C 178 -2.98 -17.07 -20.33
N VAL C 179 -2.17 -18.04 -20.69
CA VAL C 179 -1.45 -18.91 -19.79
C VAL C 179 0.00 -19.10 -20.29
N SER C 180 0.94 -19.34 -19.37
CA SER C 180 2.37 -19.59 -19.75
C SER C 180 2.76 -21.06 -19.29
N GLY C 181 1.82 -21.79 -18.65
CA GLY C 181 2.11 -23.14 -18.19
C GLY C 181 1.44 -23.55 -16.89
N TRP C 182 2.17 -24.29 -16.02
CA TRP C 182 1.71 -24.81 -14.71
C TRP C 182 2.85 -25.02 -13.71
N LEU C 183 2.71 -24.52 -12.49
CA LEU C 183 3.73 -24.76 -11.45
C LEU C 183 3.16 -25.91 -10.65
N GLN C 184 4.00 -26.88 -10.30
CA GLN C 184 3.57 -28.02 -9.51
C GLN C 184 4.64 -28.45 -8.56
N VAL C 185 4.29 -28.68 -7.31
CA VAL C 185 5.30 -29.20 -6.42
C VAL C 185 4.74 -30.60 -6.26
N TYR C 186 5.61 -31.59 -6.18
CA TYR C 186 5.15 -32.96 -5.94
C TYR C 186 5.93 -33.39 -4.71
N ALA C 187 5.55 -34.52 -4.12
CA ALA C 187 6.24 -35.01 -2.93
C ALA C 187 7.20 -36.03 -3.41
N LEU C 188 8.48 -35.77 -3.28
CA LEU C 188 9.45 -36.77 -3.73
C LEU C 188 9.47 -38.01 -2.81
N THR C 189 9.48 -37.76 -1.50
CA THR C 189 9.40 -38.83 -0.52
C THR C 189 8.35 -38.31 0.40
N ALA C 190 8.27 -38.90 1.58
CA ALA C 190 7.30 -38.50 2.59
C ALA C 190 7.96 -38.04 3.86
N LEU C 191 7.13 -37.73 4.83
CA LEU C 191 7.59 -37.23 6.10
C LEU C 191 8.25 -38.26 7.01
N THR C 192 9.58 -38.20 7.12
CA THR C 192 10.31 -39.10 8.03
C THR C 192 10.40 -38.24 9.27
N SER C 193 10.17 -38.84 10.44
CA SER C 193 10.23 -38.10 11.68
C SER C 193 10.80 -38.90 12.80
N THR C 194 11.40 -38.22 13.77
CA THR C 194 11.98 -38.88 14.93
C THR C 194 10.85 -39.68 15.57
N ASP C 195 9.68 -39.05 15.74
CA ASP C 195 8.55 -39.75 16.32
C ASP C 195 7.25 -39.31 15.79
N ILE C 196 6.83 -40.09 14.83
CA ILE C 196 5.62 -39.89 14.09
C ILE C 196 4.29 -39.60 14.85
N ALA C 197 4.31 -39.74 16.18
CA ALA C 197 3.12 -39.47 16.98
C ALA C 197 3.06 -37.97 17.31
N VAL C 198 4.21 -37.30 17.18
CA VAL C 198 4.34 -35.85 17.41
C VAL C 198 4.34 -35.12 16.09
N ASN C 199 5.30 -35.44 15.22
CA ASN C 199 5.34 -34.81 13.90
C ASN C 199 4.91 -35.79 12.79
N SER C 200 3.67 -35.59 12.35
CA SER C 200 3.05 -36.41 11.31
C SER C 200 2.94 -35.65 9.96
N LYS C 201 3.08 -34.32 10.01
CA LYS C 201 2.96 -33.49 8.82
C LYS C 201 3.92 -32.30 8.81
N GLY C 202 4.08 -31.66 7.66
CA GLY C 202 4.94 -30.49 7.55
C GLY C 202 4.31 -29.39 6.68
N ARG C 203 4.53 -28.12 7.06
CA ARG C 203 3.99 -26.98 6.32
C ARG C 203 5.06 -26.16 5.59
N VAL C 204 5.01 -26.19 4.27
CA VAL C 204 5.97 -25.45 3.45
C VAL C 204 5.33 -24.15 3.03
N LEU C 205 5.81 -23.00 3.53
CA LEU C 205 5.22 -21.75 3.10
C LEU C 205 5.64 -21.63 1.66
N VAL C 206 4.95 -20.80 0.90
CA VAL C 206 5.30 -20.61 -0.50
C VAL C 206 5.09 -19.16 -0.83
N ALA C 207 6.17 -18.43 -1.08
CA ALA C 207 6.07 -17.01 -1.35
C ALA C 207 6.43 -16.68 -2.78
N VAL C 208 5.98 -15.51 -3.26
CA VAL C 208 6.23 -15.08 -4.63
C VAL C 208 6.84 -13.74 -4.83
N SER C 209 8.04 -13.69 -5.35
CA SER C 209 8.69 -12.42 -5.62
C SER C 209 8.50 -12.18 -7.11
N ALA C 210 8.69 -10.93 -7.57
CA ALA C 210 8.54 -10.56 -9.00
C ALA C 210 9.84 -10.87 -9.70
N GLY C 211 9.76 -11.26 -10.96
CA GLY C 211 10.99 -11.62 -11.66
C GLY C 211 11.86 -10.47 -12.08
N PRO C 212 13.18 -10.65 -12.12
CA PRO C 212 14.05 -9.54 -12.53
C PRO C 212 13.72 -8.98 -13.93
N ASP C 213 13.21 -9.84 -14.79
CA ASP C 213 12.87 -9.37 -16.11
C ASP C 213 11.39 -8.98 -16.15
N PHE C 214 10.73 -9.08 -14.99
CA PHE C 214 9.30 -8.78 -14.84
C PHE C 214 9.00 -7.30 -15.06
N SER C 215 7.90 -7.03 -15.74
CA SER C 215 7.52 -5.66 -16.08
C SER C 215 6.01 -5.68 -16.29
N LEU C 216 5.39 -4.50 -16.25
CA LEU C 216 3.97 -4.36 -16.42
C LEU C 216 3.71 -3.16 -17.34
N ARG C 217 2.57 -3.19 -18.02
CA ARG C 217 2.22 -2.10 -18.93
C ARG C 217 0.71 -1.90 -19.17
N HIS C 218 0.37 -0.70 -19.67
CA HIS C 218 -0.98 -0.28 -20.04
C HIS C 218 -1.93 -0.24 -18.87
N PRO C 219 -1.84 0.79 -18.03
CA PRO C 219 -2.67 1.02 -16.83
C PRO C 219 -4.17 0.94 -17.14
N VAL C 220 -4.96 0.26 -16.31
CA VAL C 220 -6.35 0.18 -16.65
C VAL C 220 -7.24 0.43 -15.49
N ASP C 221 -8.48 0.82 -15.82
CA ASP C 221 -9.51 1.06 -14.85
C ASP C 221 -10.28 -0.19 -14.54
N LEU C 222 -10.77 -0.18 -13.31
CA LEU C 222 -11.49 -1.30 -12.74
C LEU C 222 -12.88 -1.64 -13.20
N PRO C 223 -13.05 -2.89 -13.61
CA PRO C 223 -14.36 -3.36 -14.08
C PRO C 223 -15.26 -3.76 -12.86
N ASP C 224 -16.47 -4.29 -13.12
CA ASP C 224 -17.37 -4.73 -12.05
C ASP C 224 -16.71 -5.82 -11.23
N LYS C 225 -16.76 -5.72 -9.89
CA LYS C 225 -16.19 -6.76 -9.01
C LYS C 225 -16.72 -8.19 -9.40
N GLN C 226 -15.84 -9.17 -9.33
CA GLN C 226 -16.23 -10.54 -9.69
C GLN C 226 -15.10 -11.57 -9.44
N GLY D 16 7.68 13.00 -14.62
CA GLY D 16 6.44 12.14 -14.66
C GLY D 16 5.37 12.89 -15.44
N ASN D 17 4.70 12.17 -16.37
CA ASN D 17 3.62 12.64 -17.34
C ASN D 17 3.39 14.08 -17.86
N SER D 18 4.27 15.03 -17.57
CA SER D 18 4.08 16.39 -18.11
C SER D 18 5.00 16.42 -19.37
N GLY D 19 4.34 16.46 -20.53
CA GLY D 19 5.04 16.43 -21.80
C GLY D 19 4.37 17.18 -22.94
N SER D 20 4.77 18.42 -23.02
CA SER D 20 4.31 19.36 -24.00
C SER D 20 5.54 20.24 -24.05
N ILE D 21 5.43 21.47 -24.50
CA ILE D 21 6.59 22.35 -24.49
C ILE D 21 6.05 23.53 -23.71
N VAL D 22 4.77 23.75 -23.93
CA VAL D 22 3.96 24.80 -23.33
C VAL D 22 3.67 24.44 -21.87
N GLN D 23 4.18 23.29 -21.44
CA GLN D 23 4.02 22.81 -20.06
C GLN D 23 4.70 23.83 -19.11
N ASN D 24 5.63 24.61 -19.65
CA ASN D 24 6.32 25.63 -18.87
C ASN D 24 5.85 27.04 -19.31
N PHE D 25 4.59 27.10 -19.76
CA PHE D 25 4.00 28.36 -20.21
C PHE D 25 4.01 29.21 -19.01
N TYR D 26 3.78 28.55 -17.89
CA TYR D 26 3.84 29.22 -16.62
C TYR D 26 5.15 28.81 -15.98
N MET D 27 5.62 29.62 -15.04
CA MET D 27 6.88 29.34 -14.37
C MET D 27 6.86 28.11 -13.50
N GLN D 28 8.06 27.62 -13.23
CA GLN D 28 8.27 26.44 -12.35
C GLN D 28 7.85 26.90 -10.90
N GLN D 29 7.99 28.21 -10.65
CA GLN D 29 7.71 28.86 -9.35
C GLN D 29 6.22 29.10 -9.11
N TYR D 30 5.53 29.57 -10.15
CA TYR D 30 4.10 29.88 -10.10
C TYR D 30 3.24 28.61 -10.19
N GLN D 31 3.43 27.86 -11.28
CA GLN D 31 2.71 26.63 -11.56
C GLN D 31 2.41 25.78 -10.30
N ASN D 32 3.46 25.07 -9.86
CA ASN D 32 3.38 24.14 -8.72
C ASN D 32 3.92 24.61 -7.34
N SER D 33 4.38 23.62 -6.56
CA SER D 33 4.92 23.84 -5.22
C SER D 33 6.44 23.67 -5.27
N ILE D 34 7.14 24.14 -4.25
CA ILE D 34 8.60 24.06 -4.22
C ILE D 34 9.22 23.60 -2.89
N ASP D 35 10.03 22.55 -2.97
CA ASP D 35 10.70 21.96 -1.80
C ASP D 35 11.87 22.81 -1.40
N ALA D 36 12.41 22.51 -0.22
CA ALA D 36 13.59 23.22 0.26
C ALA D 36 15.00 22.50 0.01
N ASP D 37 15.24 21.36 0.51
#